data_4L65
#
_entry.id   4L65
#
_cell.length_a   76.926
_cell.length_b   98.940
_cell.length_c   100.884
_cell.angle_alpha   90.00
_cell.angle_beta   90.00
_cell.angle_gamma   90.00
#
_symmetry.space_group_name_H-M   'P 21 21 21'
#
loop_
_entity.id
_entity.type
_entity.pdbx_description
1 polymer '5-methyltetrahydropteroyltriglutamate--homocysteine methyltransferase'
2 non-polymer 'ZINC ION'
3 non-polymer '5-METHYL-5,6,7,8-TETRAHYDROFOLIC ACID'
4 non-polymer METHIONINE
5 water water
#
_entity_poly.entity_id   1
_entity_poly.type   'polypeptide(L)'
_entity_poly.pdbx_seq_one_letter_code
;MHHHHHHSSGVDLGTENLYFQSMVQSSVLGFPRIGGQRELKKITEAYWSGKATVEELLAKGKELREHNWKLQQKAGVDII
PSNDFSYYDQVLDLSLLFNAIPERYTKFDLAPIDVLFAMGRGLQAAATATQAAVDVTALEMVKWFDSNYHYVRPTFSHST
EFKLNTAAGIKPVDEFNEAKALGVQTRPVILGPVSYLYLGKADKDSLDLEPISLLPKILPVYKELLQKLKEAGAEQVQID
EPVLVLDLPEAVQSKFKEAYDALVGADVPELILTTYFGDVRPNLKAIENLPVAGFHFDFVRVPEQLDEVASILKDGQTLS
AGVVDGRNIWKTDFAKASAVVQKAIEKVGKDKVVVATSSSLLHTPVDLESETKLDAVIKDWFSFATQKLDEVVVIAKNVS
GEDVSKQLEANAASIKARSESSITNDPKVQERLTTINEALATRKAAFPERLTEQKAKYNLPLFPTTTIGSFPQTKDIRIN
RNKFAKGQITAEEYEAFINKEIETVVRFQEEIGLDVLVHGEPERNDMVQYFGEQLNGFAFTTNGWVQSYGSRYVRPPIIV
GDVSRPKAMTVKESVYAQSITSKPMKGMLTGPVTILRWSFPRDDVSGKIQALQLGLALRDEVNDLEGAGITVIQVDEPAI
REGLPLRAGKERSDYLNWAAQSFRVATSGVENSTQIHSHFCYSDLDPNHIKALDADVVSIEFSKKDDPNYIQEFSEYPNH
IGLGLFDIHSPRIPSKQEFVSRIEEILKVYPASKFWVNPDCGLKTRGWPEVKESLTNMVEAAKEFRAKY
;
_entity_poly.pdbx_strand_id   A
#
loop_
_chem_comp.id
_chem_comp.type
_chem_comp.name
_chem_comp.formula
C2F non-polymer '5-METHYL-5,6,7,8-TETRAHYDROFOLIC ACID' 'C20 H25 N7 O6'
ZN non-polymer 'ZINC ION' 'Zn 2'
#
# COMPACT_ATOMS: atom_id res chain seq x y z
N MET A 23 -36.91 -9.83 1.21
CA MET A 23 -35.78 -9.83 2.17
C MET A 23 -34.50 -9.32 1.50
N VAL A 24 -33.74 -8.49 2.24
CA VAL A 24 -32.59 -7.79 1.68
C VAL A 24 -31.44 -8.81 1.57
N GLN A 25 -30.83 -8.94 0.39
CA GLN A 25 -29.69 -9.87 0.20
C GLN A 25 -28.37 -9.30 0.74
N SER A 26 -27.45 -10.18 1.13
CA SER A 26 -26.10 -9.81 1.56
C SER A 26 -25.11 -10.13 0.43
N SER A 27 -24.04 -9.36 0.35
CA SER A 27 -23.08 -9.50 -0.76
C SER A 27 -21.62 -9.24 -0.27
N VAL A 28 -20.69 -9.97 -0.86
CA VAL A 28 -19.27 -9.89 -0.61
C VAL A 28 -18.56 -9.68 -1.95
N LEU A 29 -17.70 -8.65 -2.02
CA LEU A 29 -17.15 -8.24 -3.32
C LEU A 29 -15.91 -9.01 -3.65
N GLY A 30 -15.35 -9.66 -2.63
CA GLY A 30 -14.12 -10.43 -2.85
C GLY A 30 -13.65 -11.00 -1.55
N PHE A 31 -12.93 -12.11 -1.59
CA PHE A 31 -12.41 -12.73 -0.37
C PHE A 31 -10.90 -12.89 -0.54
N PRO A 32 -10.12 -12.62 0.51
CA PRO A 32 -8.71 -12.80 0.42
C PRO A 32 -8.40 -14.27 0.20
N ARG A 33 -7.42 -14.52 -0.66
CA ARG A 33 -7.12 -15.88 -1.14
C ARG A 33 -5.85 -16.50 -0.55
N ILE A 34 -5.16 -15.81 0.35
CA ILE A 34 -3.88 -16.28 0.87
C ILE A 34 -3.96 -17.50 1.75
N GLY A 35 -5.15 -17.73 2.31
CA GLY A 35 -5.37 -18.86 3.25
C GLY A 35 -5.15 -18.50 4.71
N GLY A 36 -5.95 -19.08 5.59
CA GLY A 36 -5.85 -18.78 7.03
C GLY A 36 -4.44 -19.06 7.57
N GLN A 37 -3.74 -20.01 6.94
CA GLN A 37 -2.38 -20.41 7.32
C GLN A 37 -1.33 -20.03 6.25
N ARG A 38 -1.61 -18.99 5.48
CA ARG A 38 -0.71 -18.52 4.41
C ARG A 38 -0.41 -19.62 3.44
N GLU A 39 -1.39 -20.52 3.25
CA GLU A 39 -1.23 -21.69 2.35
C GLU A 39 -0.88 -21.28 0.94
N LEU A 40 -1.37 -20.15 0.48
CA LEU A 40 -1.19 -19.75 -0.91
C LEU A 40 0.27 -19.39 -1.20
N LYS A 41 0.91 -18.80 -0.19
CA LYS A 41 2.29 -18.35 -0.25
C LYS A 41 3.19 -19.55 -0.34
N LYS A 42 2.99 -20.48 0.58
CA LYS A 42 3.80 -21.65 0.63
C LYS A 42 3.70 -22.50 -0.64
N ILE A 43 2.50 -22.73 -1.16
CA ILE A 43 2.36 -23.53 -2.36
C ILE A 43 2.96 -22.78 -3.57
N THR A 44 2.68 -21.49 -3.73
CA THR A 44 3.23 -20.74 -4.88
C THR A 44 4.73 -20.63 -4.80
N GLU A 45 5.24 -20.32 -3.62
CA GLU A 45 6.70 -20.31 -3.41
C GLU A 45 7.32 -21.67 -3.67
N ALA A 46 6.66 -22.73 -3.20
CA ALA A 46 7.16 -24.09 -3.43
C ALA A 46 7.12 -24.41 -4.94
N TYR A 47 6.12 -23.87 -5.63
CA TYR A 47 6.05 -24.08 -7.05
C TYR A 47 7.22 -23.41 -7.73
N TRP A 48 7.43 -22.13 -7.43
CA TRP A 48 8.46 -21.37 -8.10
C TRP A 48 9.84 -21.95 -7.87
N SER A 49 10.08 -22.42 -6.65
CA SER A 49 11.38 -22.96 -6.26
C SER A 49 11.59 -24.44 -6.60
N GLY A 50 10.72 -25.03 -7.41
CA GLY A 50 10.89 -26.43 -7.82
C GLY A 50 10.37 -27.46 -6.83
N LYS A 51 10.07 -27.06 -5.60
CA LYS A 51 9.68 -28.02 -4.55
C LYS A 51 8.28 -28.65 -4.75
N ALA A 52 7.41 -28.04 -5.56
CA ALA A 52 6.04 -28.56 -5.78
C ALA A 52 5.65 -28.62 -7.26
N THR A 53 4.86 -29.60 -7.68
CA THR A 53 4.44 -29.62 -9.09
C THR A 53 3.34 -28.62 -9.38
N VAL A 54 3.23 -28.30 -10.67
CA VAL A 54 2.18 -27.41 -11.17
C VAL A 54 0.80 -27.87 -10.69
N GLU A 55 0.60 -29.19 -10.68
CA GLU A 55 -0.68 -29.82 -10.41
C GLU A 55 -1.02 -29.81 -8.91
N GLU A 56 0.02 -29.90 -8.08
CA GLU A 56 -0.13 -29.70 -6.63
C GLU A 56 -0.44 -28.27 -6.36
N LEU A 57 0.11 -27.38 -7.19
CA LEU A 57 -0.28 -25.97 -7.14
C LEU A 57 -1.75 -25.78 -7.46
N LEU A 58 -2.25 -26.47 -8.49
CA LEU A 58 -3.68 -26.31 -8.86
C LEU A 58 -4.61 -26.94 -7.84
N ALA A 59 -4.12 -27.99 -7.19
CA ALA A 59 -4.88 -28.69 -6.16
C ALA A 59 -5.07 -27.84 -4.89
N LYS A 60 -4.03 -27.08 -4.48
CA LYS A 60 -4.19 -26.20 -3.34
C LYS A 60 -5.19 -25.12 -3.74
N GLY A 61 -5.02 -24.54 -4.93
CA GLY A 61 -6.01 -23.58 -5.47
C GLY A 61 -7.48 -23.97 -5.31
N LYS A 62 -7.84 -25.14 -5.85
CA LYS A 62 -9.21 -25.65 -5.76
C LYS A 62 -9.61 -25.70 -4.28
N GLU A 63 -8.76 -26.30 -3.47
CA GLU A 63 -8.94 -26.40 -2.00
C GLU A 63 -9.20 -25.07 -1.29
N LEU A 64 -8.38 -24.09 -1.61
CA LEU A 64 -8.64 -22.72 -1.16
C LEU A 64 -9.94 -22.13 -1.64
N ARG A 65 -10.36 -22.46 -2.84
CA ARG A 65 -11.57 -21.79 -3.37
C ARG A 65 -12.80 -22.40 -2.80
N GLU A 66 -12.74 -23.72 -2.71
CA GLU A 66 -13.77 -24.51 -2.14
C GLU A 66 -14.03 -24.03 -0.70
N HIS A 67 -12.96 -23.95 0.06
CA HIS A 67 -13.05 -23.65 1.50
C HIS A 67 -13.62 -22.23 1.66
N ASN A 68 -13.20 -21.33 0.81
CA ASN A 68 -13.63 -19.93 0.92
C ASN A 68 -15.06 -19.73 0.48
N TRP A 69 -15.43 -20.39 -0.62
CA TRP A 69 -16.85 -20.50 -0.99
C TRP A 69 -17.71 -21.12 0.14
N LYS A 70 -17.23 -22.19 0.73
CA LYS A 70 -18.01 -22.88 1.74
C LYS A 70 -18.20 -22.02 2.96
N LEU A 71 -17.16 -21.28 3.31
CA LEU A 71 -17.16 -20.35 4.44
C LEU A 71 -18.29 -19.33 4.26
N GLN A 72 -18.39 -18.83 3.03
CA GLN A 72 -19.35 -17.78 2.70
C GLN A 72 -20.78 -18.31 2.66
N GLN A 73 -20.97 -19.48 2.05
CA GLN A 73 -22.26 -20.18 2.07
C GLN A 73 -22.74 -20.49 3.52
N LYS A 74 -21.87 -21.09 4.31
CA LYS A 74 -22.19 -21.45 5.67
C LYS A 74 -22.56 -20.18 6.48
N ALA A 75 -21.86 -19.06 6.23
CA ALA A 75 -22.16 -17.79 6.93
C ALA A 75 -23.54 -17.21 6.53
N GLY A 76 -23.97 -17.58 5.33
CA GLY A 76 -25.28 -17.21 4.79
C GLY A 76 -25.23 -16.05 3.79
N VAL A 77 -24.07 -15.73 3.27
CA VAL A 77 -23.97 -14.67 2.29
C VAL A 77 -24.71 -15.11 1.03
N ASP A 78 -25.59 -14.25 0.53
CA ASP A 78 -26.40 -14.53 -0.66
C ASP A 78 -25.62 -14.45 -1.94
N ILE A 79 -24.91 -13.32 -2.10
CA ILE A 79 -24.10 -13.08 -3.30
C ILE A 79 -22.61 -13.33 -3.03
N ILE A 80 -22.08 -14.36 -3.67
CA ILE A 80 -20.79 -14.88 -3.32
C ILE A 80 -19.87 -14.78 -4.53
N PRO A 81 -18.68 -14.16 -4.36
CA PRO A 81 -17.87 -13.87 -5.53
C PRO A 81 -17.16 -15.09 -6.07
N SER A 82 -16.93 -15.13 -7.37
CA SER A 82 -15.89 -15.99 -7.95
C SER A 82 -15.04 -15.15 -8.88
N ASN A 83 -13.92 -15.74 -9.35
CA ASN A 83 -12.82 -15.02 -10.00
C ASN A 83 -12.05 -14.02 -9.12
N ASP A 84 -12.40 -13.93 -7.86
CA ASP A 84 -11.68 -13.03 -6.98
C ASP A 84 -10.37 -13.72 -6.56
N PHE A 85 -10.32 -15.04 -6.74
CA PHE A 85 -9.09 -15.80 -6.41
C PHE A 85 -8.02 -15.48 -7.44
N SER A 86 -6.76 -15.58 -7.01
CA SER A 86 -5.62 -15.46 -7.92
C SER A 86 -4.34 -16.06 -7.34
N TYR A 87 -3.50 -16.58 -8.23
CA TYR A 87 -2.19 -17.06 -7.85
C TYR A 87 -1.21 -15.90 -7.69
N TYR A 88 -1.59 -14.71 -8.14
CA TYR A 88 -0.66 -13.59 -8.14
C TYR A 88 -1.34 -12.22 -8.06
N ASP A 89 -2.07 -11.87 -9.12
CA ASP A 89 -2.78 -10.60 -9.19
C ASP A 89 -3.94 -10.70 -10.19
N GLN A 90 -5.15 -10.28 -9.74
CA GLN A 90 -6.40 -10.41 -10.51
C GLN A 90 -6.39 -9.65 -11.81
N VAL A 91 -5.62 -8.56 -11.86
CA VAL A 91 -5.52 -7.74 -13.06
C VAL A 91 -4.69 -8.47 -14.06
N LEU A 92 -3.58 -9.02 -13.59
CA LEU A 92 -2.74 -9.86 -14.40
C LEU A 92 -3.53 -11.00 -14.99
N ASP A 93 -4.44 -11.57 -14.22
CA ASP A 93 -5.23 -12.72 -14.66
C ASP A 93 -6.09 -12.36 -15.85
N LEU A 94 -6.52 -11.09 -15.88
CA LEU A 94 -7.38 -10.55 -16.92
C LEU A 94 -6.51 -10.22 -18.11
N SER A 95 -5.29 -9.76 -17.85
CA SER A 95 -4.31 -9.50 -18.90
C SER A 95 -3.93 -10.79 -19.63
N LEU A 96 -3.80 -11.87 -18.90
CA LEU A 96 -3.52 -13.19 -19.48
C LEU A 96 -4.73 -13.69 -20.29
N LEU A 97 -5.91 -13.33 -19.82
CA LEU A 97 -7.19 -13.85 -20.32
C LEU A 97 -7.63 -13.15 -21.63
N PHE A 98 -7.18 -11.91 -21.83
CA PHE A 98 -7.57 -11.08 -22.99
C PHE A 98 -6.46 -10.97 -23.99
N ASN A 99 -5.35 -11.62 -23.67
CA ASN A 99 -4.12 -11.65 -24.45
C ASN A 99 -3.26 -10.37 -24.40
N ALA A 100 -3.34 -9.58 -23.33
CA ALA A 100 -2.46 -8.41 -23.25
C ALA A 100 -1.10 -8.91 -22.78
N ILE A 101 -0.48 -9.76 -23.57
CA ILE A 101 0.71 -10.49 -23.17
C ILE A 101 1.88 -10.18 -24.14
N PRO A 102 2.76 -9.24 -23.75
CA PRO A 102 3.80 -8.80 -24.68
C PRO A 102 4.66 -9.94 -25.26
N GLU A 103 5.17 -9.72 -26.46
CA GLU A 103 5.86 -10.76 -27.22
C GLU A 103 6.99 -11.37 -26.42
N ARG A 104 7.72 -10.52 -25.68
CA ARG A 104 8.98 -10.98 -25.09
C ARG A 104 8.73 -12.19 -24.19
N TYR A 105 7.63 -12.12 -23.45
CA TYR A 105 7.19 -13.22 -22.60
C TYR A 105 6.82 -14.53 -23.34
N THR A 106 6.53 -14.44 -24.64
CA THR A 106 6.01 -15.55 -25.47
C THR A 106 7.04 -16.51 -26.12
N LYS A 107 8.31 -16.11 -26.23
CA LYS A 107 9.29 -16.97 -26.90
C LYS A 107 10.27 -17.59 -25.91
N PHE A 108 9.70 -18.31 -24.93
CA PHE A 108 10.46 -19.15 -23.99
C PHE A 108 9.76 -20.51 -23.73
N ASP A 109 8.80 -20.85 -24.60
CA ASP A 109 7.96 -22.06 -24.46
C ASP A 109 7.32 -22.25 -23.10
N LEU A 110 6.92 -21.15 -22.48
CA LEU A 110 6.29 -21.21 -21.18
C LEU A 110 4.81 -21.49 -21.37
N ALA A 111 4.30 -22.50 -20.65
CA ALA A 111 2.86 -22.72 -20.49
C ALA A 111 2.20 -21.44 -19.92
N PRO A 112 0.90 -21.24 -20.18
CA PRO A 112 0.38 -19.90 -19.91
C PRO A 112 0.48 -19.55 -18.44
N ILE A 113 0.26 -20.51 -17.55
CA ILE A 113 0.41 -20.24 -16.13
C ILE A 113 1.83 -19.70 -15.88
N ASP A 114 2.79 -20.24 -16.61
CA ASP A 114 4.19 -19.76 -16.49
C ASP A 114 4.45 -18.45 -17.25
N VAL A 115 3.71 -18.18 -18.32
CA VAL A 115 3.71 -16.82 -18.85
C VAL A 115 3.15 -15.90 -17.75
N LEU A 116 2.11 -16.33 -17.04
CA LEU A 116 1.58 -15.54 -15.92
C LEU A 116 2.72 -15.11 -15.00
N PHE A 117 3.42 -16.09 -14.45
CA PHE A 117 4.46 -15.82 -13.45
C PHE A 117 5.65 -15.05 -14.00
N ALA A 118 5.96 -15.27 -15.28
CA ALA A 118 6.98 -14.47 -15.96
C ALA A 118 6.66 -12.99 -15.86
N MET A 119 5.43 -12.63 -16.20
CA MET A 119 5.05 -11.22 -16.33
C MET A 119 5.01 -10.54 -14.97
N GLY A 120 4.55 -11.28 -13.96
CA GLY A 120 4.46 -10.75 -12.63
C GLY A 120 5.78 -10.63 -11.89
N ARG A 121 6.60 -11.67 -11.99
CA ARG A 121 7.81 -11.73 -11.17
C ARG A 121 9.04 -12.03 -11.99
N GLY A 122 9.03 -11.58 -13.24
CA GLY A 122 10.19 -11.66 -14.10
C GLY A 122 10.71 -13.04 -14.45
N LEU A 123 11.75 -13.06 -15.28
CA LEU A 123 12.39 -14.29 -15.70
C LEU A 123 13.91 -14.15 -15.87
N GLN A 124 14.65 -15.03 -15.19
CA GLN A 124 16.06 -15.30 -15.54
C GLN A 124 16.16 -15.75 -16.99
N VAL A 136 14.67 -11.09 -18.55
CA VAL A 136 13.47 -10.29 -18.75
C VAL A 136 12.94 -9.74 -17.43
N THR A 137 12.67 -8.44 -17.39
CA THR A 137 12.15 -7.84 -16.17
C THR A 137 10.63 -8.05 -16.05
N ALA A 138 10.15 -8.17 -14.83
CA ALA A 138 8.70 -8.21 -14.57
C ALA A 138 8.08 -6.95 -15.12
N LEU A 139 6.77 -6.99 -15.34
CA LEU A 139 6.04 -5.77 -15.60
C LEU A 139 5.95 -5.00 -14.30
N GLU A 140 5.61 -3.73 -14.44
CA GLU A 140 5.61 -2.77 -13.35
C GLU A 140 4.54 -3.10 -12.29
N MET A 141 4.97 -3.04 -11.02
N MET A 141 4.93 -3.00 -11.02
CA MET A 141 4.11 -3.12 -9.85
CA MET A 141 4.00 -3.14 -9.93
C MET A 141 3.59 -1.71 -9.59
C MET A 141 3.59 -1.77 -9.45
N VAL A 142 2.28 -1.56 -9.35
CA VAL A 142 1.68 -0.23 -9.06
C VAL A 142 0.69 -0.31 -7.90
N LYS A 143 0.61 0.77 -7.13
CA LYS A 143 -0.31 0.86 -6.00
C LYS A 143 -1.74 0.89 -6.54
N TRP A 144 -2.58 -0.01 -6.01
CA TRP A 144 -3.97 -0.12 -6.40
C TRP A 144 -4.74 0.92 -5.60
N PHE A 145 -5.07 2.04 -6.27
CA PHE A 145 -5.63 3.24 -5.58
C PHE A 145 -4.85 3.59 -4.34
N ASP A 146 -5.51 3.98 -3.28
CA ASP A 146 -4.83 4.34 -2.07
C ASP A 146 -4.77 3.16 -1.08
N SER A 147 -4.93 1.92 -1.53
CA SER A 147 -4.56 0.76 -0.69
C SER A 147 -3.04 0.49 -0.67
N ASN A 148 -2.65 -0.53 0.08
CA ASN A 148 -1.26 -1.02 0.11
C ASN A 148 -1.22 -2.42 -0.59
N TYR A 149 -2.30 -2.78 -1.30
CA TYR A 149 -2.26 -3.80 -2.36
C TYR A 149 -1.62 -3.15 -3.59
N HIS A 150 -0.91 -3.96 -4.37
CA HIS A 150 -0.29 -3.55 -5.65
C HIS A 150 -0.69 -4.45 -6.82
N TYR A 151 -0.97 -3.86 -7.97
CA TYR A 151 -1.40 -4.66 -9.13
C TYR A 151 -0.31 -4.64 -10.17
N VAL A 152 -0.39 -5.54 -11.14
CA VAL A 152 0.50 -5.53 -12.30
C VAL A 152 -0.09 -4.68 -13.41
N ARG A 153 0.65 -3.67 -13.82
CA ARG A 153 0.19 -2.76 -14.89
C ARG A 153 -0.23 -3.54 -16.13
N PRO A 154 -1.49 -3.33 -16.55
CA PRO A 154 -1.77 -3.72 -17.92
C PRO A 154 -0.83 -2.97 -18.88
N THR A 155 -0.14 -3.72 -19.72
CA THR A 155 0.79 -3.14 -20.70
C THR A 155 0.28 -3.39 -22.12
N PHE A 156 0.20 -2.33 -22.94
CA PHE A 156 -0.35 -2.42 -24.30
C PHE A 156 0.54 -1.84 -25.40
N SER A 157 0.60 -2.54 -26.53
CA SER A 157 1.27 -2.07 -27.74
C SER A 157 0.28 -1.87 -28.88
N HIS A 158 0.73 -1.21 -29.95
CA HIS A 158 -0.05 -1.07 -31.19
C HIS A 158 -0.41 -2.41 -31.82
N SER A 159 0.51 -3.38 -31.70
CA SER A 159 0.34 -4.75 -32.18
C SER A 159 -0.58 -5.64 -31.30
N THR A 160 -0.92 -5.22 -30.07
CA THR A 160 -1.66 -6.10 -29.16
C THR A 160 -3.00 -6.50 -29.81
N GLU A 161 -3.26 -7.81 -29.87
CA GLU A 161 -4.51 -8.35 -30.37
C GLU A 161 -5.26 -9.02 -29.22
N PHE A 162 -6.46 -8.53 -28.94
CA PHE A 162 -7.21 -8.95 -27.78
C PHE A 162 -8.09 -10.14 -28.12
N LYS A 163 -7.95 -11.23 -27.40
CA LYS A 163 -8.76 -12.43 -27.65
C LYS A 163 -8.80 -13.28 -26.38
N LEU A 164 -9.87 -14.04 -26.20
CA LEU A 164 -9.88 -15.15 -25.23
C LEU A 164 -9.10 -16.30 -25.77
N ASN A 165 -8.40 -17.03 -24.90
CA ASN A 165 -7.76 -18.27 -25.29
C ASN A 165 -8.27 -19.45 -24.46
N THR A 166 -9.15 -20.25 -25.09
CA THR A 166 -9.61 -21.55 -24.60
C THR A 166 -8.55 -22.44 -23.92
N ALA A 167 -7.51 -22.81 -24.67
CA ALA A 167 -6.53 -23.82 -24.22
C ALA A 167 -5.81 -23.46 -22.93
N ALA A 168 -5.66 -22.16 -22.67
CA ALA A 168 -5.21 -21.67 -21.36
C ALA A 168 -6.27 -21.86 -20.25
N GLY A 169 -7.45 -22.39 -20.60
CA GLY A 169 -8.59 -22.38 -19.70
C GLY A 169 -9.17 -20.99 -19.63
N ILE A 170 -10.45 -20.91 -19.32
CA ILE A 170 -11.15 -19.62 -19.20
C ILE A 170 -11.45 -19.41 -17.70
N LYS A 171 -10.53 -18.73 -17.04
CA LYS A 171 -10.49 -18.72 -15.59
C LYS A 171 -11.84 -18.36 -14.95
N PRO A 172 -12.44 -17.22 -15.33
CA PRO A 172 -13.70 -16.88 -14.69
C PRO A 172 -14.81 -17.92 -14.93
N VAL A 173 -14.84 -18.52 -16.12
CA VAL A 173 -15.83 -19.56 -16.42
C VAL A 173 -15.55 -20.83 -15.62
N ASP A 174 -14.28 -21.20 -15.55
CA ASP A 174 -13.91 -22.48 -14.93
C ASP A 174 -14.15 -22.48 -13.44
N GLU A 175 -13.76 -21.38 -12.80
CA GLU A 175 -13.99 -21.22 -11.38
C GLU A 175 -15.47 -21.07 -11.05
N PHE A 176 -16.25 -20.47 -11.94
CA PHE A 176 -17.69 -20.39 -11.72
C PHE A 176 -18.30 -21.79 -11.78
N ASN A 177 -17.76 -22.61 -12.67
CA ASN A 177 -18.25 -23.98 -12.78
C ASN A 177 -17.83 -24.83 -11.61
N GLU A 178 -16.62 -24.63 -11.16
CA GLU A 178 -16.12 -25.31 -9.97
C GLU A 178 -17.05 -25.07 -8.75
N ALA A 179 -17.49 -23.83 -8.56
CA ALA A 179 -18.29 -23.51 -7.39
C ALA A 179 -19.70 -24.03 -7.54
N LYS A 180 -20.27 -23.93 -8.74
CA LYS A 180 -21.61 -24.51 -9.00
C LYS A 180 -21.66 -26.02 -8.66
N ALA A 181 -20.65 -26.78 -9.06
CA ALA A 181 -20.55 -28.23 -8.75
C ALA A 181 -20.47 -28.59 -7.23
N LEU A 182 -20.09 -27.62 -6.41
CA LEU A 182 -20.20 -27.74 -4.96
C LEU A 182 -21.57 -27.29 -4.45
N GLY A 183 -22.43 -26.87 -5.38
CA GLY A 183 -23.75 -26.35 -5.03
C GLY A 183 -23.68 -24.91 -4.56
N VAL A 184 -22.65 -24.17 -4.97
CA VAL A 184 -22.55 -22.71 -4.70
C VAL A 184 -22.61 -21.79 -5.94
N GLN A 185 -23.77 -21.17 -6.17
CA GLN A 185 -23.92 -20.18 -7.23
C GLN A 185 -23.11 -18.91 -6.90
N THR A 186 -22.30 -18.44 -7.85
CA THR A 186 -21.47 -17.29 -7.58
C THR A 186 -21.69 -16.15 -8.56
N ARG A 187 -21.06 -15.02 -8.30
CA ARG A 187 -21.13 -13.88 -9.19
C ARG A 187 -19.70 -13.61 -9.58
N PRO A 188 -19.34 -13.96 -10.82
CA PRO A 188 -18.02 -13.58 -11.27
C PRO A 188 -17.71 -12.10 -11.08
N VAL A 189 -16.46 -11.83 -10.71
CA VAL A 189 -15.94 -10.49 -10.63
C VAL A 189 -14.90 -10.31 -11.73
N ILE A 190 -15.08 -9.28 -12.53
CA ILE A 190 -14.05 -8.79 -13.42
C ILE A 190 -13.96 -7.28 -13.39
N LEU A 191 -12.75 -6.79 -13.51
CA LEU A 191 -12.48 -5.39 -13.80
C LEU A 191 -13.01 -5.01 -15.18
N GLY A 192 -13.79 -3.93 -15.25
CA GLY A 192 -14.45 -3.54 -16.48
C GLY A 192 -13.47 -2.92 -17.45
N PRO A 193 -13.89 -2.73 -18.71
CA PRO A 193 -13.02 -2.26 -19.79
C PRO A 193 -12.45 -0.90 -19.55
N VAL A 194 -13.27 0.05 -19.13
CA VAL A 194 -12.74 1.40 -19.01
C VAL A 194 -11.64 1.39 -17.96
N SER A 195 -11.96 0.96 -16.75
CA SER A 195 -10.93 0.90 -15.72
C SER A 195 -9.68 0.10 -16.15
N TYR A 196 -9.87 -1.04 -16.81
CA TYR A 196 -8.71 -1.85 -17.20
C TYR A 196 -7.80 -1.07 -18.13
N LEU A 197 -8.39 -0.45 -19.16
CA LEU A 197 -7.57 0.34 -20.08
C LEU A 197 -6.95 1.54 -19.39
N TYR A 198 -7.72 2.23 -18.56
CA TYR A 198 -7.30 3.49 -17.99
C TYR A 198 -6.14 3.31 -17.03
N LEU A 199 -6.02 2.14 -16.45
CA LEU A 199 -4.98 1.90 -15.45
C LEU A 199 -3.74 1.25 -16.08
N GLY A 200 -3.82 0.90 -17.37
CA GLY A 200 -2.68 0.28 -18.04
C GLY A 200 -1.83 1.35 -18.67
N LYS A 201 -0.69 0.96 -19.22
CA LYS A 201 0.21 1.92 -19.87
C LYS A 201 0.69 1.35 -21.19
N ALA A 202 1.16 2.24 -22.05
CA ALA A 202 1.77 1.86 -23.31
C ALA A 202 3.14 1.27 -23.04
N ASP A 203 3.47 0.22 -23.79
CA ASP A 203 4.77 -0.44 -23.72
C ASP A 203 5.81 0.43 -24.37
N LYS A 204 7.08 0.15 -24.07
CA LYS A 204 8.22 0.91 -24.62
C LYS A 204 8.03 1.20 -26.10
N ASP A 205 7.92 0.14 -26.90
CA ASP A 205 7.82 0.21 -28.36
C ASP A 205 6.63 1.01 -28.94
N SER A 206 5.66 1.38 -28.10
CA SER A 206 4.47 2.07 -28.60
C SER A 206 4.18 3.36 -27.83
N LEU A 207 5.25 4.07 -27.47
CA LEU A 207 5.19 5.25 -26.56
C LEU A 207 4.04 6.24 -26.76
N ASP A 208 3.61 6.42 -28.00
CA ASP A 208 2.61 7.45 -28.30
C ASP A 208 1.16 7.00 -28.09
N LEU A 209 0.95 5.75 -27.72
CA LEU A 209 -0.42 5.20 -27.61
C LEU A 209 -1.17 5.67 -26.35
N GLU A 210 -2.44 6.04 -26.51
CA GLU A 210 -3.34 6.32 -25.38
C GLU A 210 -4.17 5.05 -25.08
N PRO A 211 -3.91 4.36 -23.95
CA PRO A 211 -4.62 3.10 -23.70
C PRO A 211 -6.12 3.20 -23.84
N ILE A 212 -6.72 4.27 -23.31
CA ILE A 212 -8.16 4.58 -23.47
C ILE A 212 -8.63 4.33 -24.90
N SER A 213 -7.78 4.64 -25.87
CA SER A 213 -8.12 4.51 -27.27
C SER A 213 -8.36 3.09 -27.80
N LEU A 214 -7.97 2.06 -27.05
CA LEU A 214 -8.15 0.68 -27.48
C LEU A 214 -9.53 0.10 -27.16
N LEU A 215 -10.36 0.92 -26.55
CA LEU A 215 -11.70 0.53 -26.17
C LEU A 215 -12.55 -0.22 -27.24
N PRO A 216 -12.66 0.30 -28.47
CA PRO A 216 -13.28 -0.54 -29.50
C PRO A 216 -12.62 -1.92 -29.63
N LYS A 217 -11.31 -1.98 -29.54
CA LYS A 217 -10.64 -3.26 -29.76
C LYS A 217 -10.92 -4.32 -28.67
N ILE A 218 -11.34 -3.90 -27.47
CA ILE A 218 -11.45 -4.83 -26.34
C ILE A 218 -12.90 -5.22 -25.95
N LEU A 219 -13.85 -4.32 -26.19
CA LEU A 219 -15.25 -4.64 -25.90
C LEU A 219 -15.74 -5.97 -26.47
N PRO A 220 -15.50 -6.24 -27.76
CA PRO A 220 -15.90 -7.54 -28.25
C PRO A 220 -15.48 -8.72 -27.35
N VAL A 221 -14.28 -8.65 -26.79
CA VAL A 221 -13.75 -9.76 -25.98
C VAL A 221 -14.48 -9.86 -24.66
N TYR A 222 -14.69 -8.74 -23.98
CA TYR A 222 -15.52 -8.76 -22.81
C TYR A 222 -16.91 -9.37 -23.17
N LYS A 223 -17.45 -9.01 -24.32
CA LYS A 223 -18.79 -9.45 -24.71
C LYS A 223 -18.86 -10.97 -24.76
N GLU A 224 -17.84 -11.53 -25.41
CA GLU A 224 -17.74 -12.94 -25.62
C GLU A 224 -17.51 -13.66 -24.29
N LEU A 225 -16.73 -13.04 -23.41
CA LEU A 225 -16.50 -13.64 -22.11
C LEU A 225 -17.82 -13.67 -21.32
N LEU A 226 -18.60 -12.58 -21.43
CA LEU A 226 -19.89 -12.50 -20.73
C LEU A 226 -20.92 -13.46 -21.33
N GLN A 227 -20.88 -13.62 -22.64
CA GLN A 227 -21.65 -14.66 -23.32
C GLN A 227 -21.36 -16.04 -22.79
N LYS A 228 -20.09 -16.37 -22.64
CA LYS A 228 -19.70 -17.67 -22.11
C LYS A 228 -19.97 -17.83 -20.60
N LEU A 229 -19.77 -16.78 -19.81
CA LEU A 229 -20.23 -16.83 -18.41
C LEU A 229 -21.75 -17.03 -18.31
N LYS A 230 -22.51 -16.46 -19.22
CA LYS A 230 -23.97 -16.62 -19.22
C LYS A 230 -24.35 -18.07 -19.57
N GLU A 231 -23.63 -18.64 -20.52
CA GLU A 231 -23.91 -20.01 -20.97
C GLU A 231 -23.69 -20.97 -19.81
N ALA A 232 -22.60 -20.76 -19.08
CA ALA A 232 -22.27 -21.58 -17.93
C ALA A 232 -23.34 -21.54 -16.83
N GLY A 233 -24.22 -20.52 -16.85
CA GLY A 233 -25.26 -20.33 -15.81
C GLY A 233 -25.05 -19.11 -14.90
N ALA A 234 -24.07 -18.27 -15.20
CA ALA A 234 -23.88 -17.04 -14.42
C ALA A 234 -24.97 -16.05 -14.77
N GLU A 235 -25.76 -15.65 -13.79
CA GLU A 235 -26.89 -14.72 -14.03
C GLU A 235 -26.52 -13.26 -13.78
N GLN A 236 -25.65 -13.02 -12.77
CA GLN A 236 -25.11 -11.68 -12.46
C GLN A 236 -23.57 -11.70 -12.48
N VAL A 237 -22.99 -10.57 -12.83
CA VAL A 237 -21.54 -10.40 -12.82
C VAL A 237 -21.24 -9.07 -12.21
N GLN A 238 -20.27 -9.05 -11.31
CA GLN A 238 -19.80 -7.81 -10.73
C GLN A 238 -18.72 -7.25 -11.63
N ILE A 239 -18.98 -6.08 -12.20
CA ILE A 239 -18.01 -5.46 -13.08
C ILE A 239 -17.45 -4.20 -12.42
N ASP A 240 -16.16 -4.29 -12.07
CA ASP A 240 -15.49 -3.30 -11.33
C ASP A 240 -15.10 -2.13 -12.22
N GLU A 241 -15.57 -0.94 -11.87
CA GLU A 241 -15.18 0.30 -12.51
C GLU A 241 -14.78 1.33 -11.43
N PRO A 242 -13.69 1.05 -10.75
CA PRO A 242 -13.31 1.93 -9.66
C PRO A 242 -12.69 3.24 -10.09
N VAL A 243 -12.26 3.33 -11.34
CA VAL A 243 -11.73 4.64 -11.75
C VAL A 243 -12.80 5.77 -11.77
N LEU A 244 -14.08 5.44 -11.63
CA LEU A 244 -15.13 6.41 -11.36
C LEU A 244 -14.97 7.22 -10.06
N VAL A 245 -14.15 6.75 -9.13
CA VAL A 245 -13.95 7.55 -7.91
C VAL A 245 -12.79 8.54 -8.11
N LEU A 246 -12.22 8.54 -9.31
CA LEU A 246 -11.09 9.43 -9.69
C LEU A 246 -11.60 10.60 -10.54
N ASP A 247 -10.86 11.70 -10.49
CA ASP A 247 -10.98 12.87 -11.38
C ASP A 247 -10.74 12.41 -12.81
N LEU A 248 -11.80 12.33 -13.61
CA LEU A 248 -11.67 11.81 -14.96
C LEU A 248 -11.93 12.92 -15.93
N PRO A 249 -11.18 12.95 -17.04
CA PRO A 249 -11.48 13.89 -18.15
C PRO A 249 -12.82 13.55 -18.75
N GLU A 250 -13.51 14.58 -19.23
CA GLU A 250 -14.79 14.43 -19.91
C GLU A 250 -14.74 13.36 -20.96
N ALA A 251 -13.63 13.32 -21.68
CA ALA A 251 -13.47 12.48 -22.84
C ALA A 251 -13.47 11.03 -22.39
N VAL A 252 -12.89 10.80 -21.22
CA VAL A 252 -12.90 9.47 -20.61
C VAL A 252 -14.28 9.13 -20.00
N GLN A 253 -14.99 10.11 -19.47
CA GLN A 253 -16.34 9.88 -18.92
C GLN A 253 -17.35 9.38 -19.95
N SER A 254 -17.28 9.86 -21.19
CA SER A 254 -18.28 9.41 -22.21
C SER A 254 -18.19 7.91 -22.48
N LYS A 255 -17.04 7.33 -22.11
CA LYS A 255 -16.72 5.95 -22.49
C LYS A 255 -17.55 4.88 -21.77
N PHE A 256 -18.22 5.26 -20.67
CA PHE A 256 -19.03 4.31 -19.93
C PHE A 256 -20.29 3.92 -20.72
N LYS A 257 -21.04 4.93 -21.20
CA LYS A 257 -22.16 4.75 -22.12
C LYS A 257 -21.80 3.89 -23.36
N GLU A 258 -20.74 4.24 -24.05
CA GLU A 258 -20.25 3.44 -25.17
C GLU A 258 -19.97 1.98 -24.69
N ALA A 259 -19.19 1.83 -23.62
CA ALA A 259 -18.78 0.49 -23.22
C ALA A 259 -20.00 -0.36 -22.86
N TYR A 260 -20.84 0.19 -22.00
CA TYR A 260 -21.94 -0.60 -21.45
C TYR A 260 -23.10 -0.78 -22.43
N ASP A 261 -23.38 0.23 -23.28
CA ASP A 261 -24.33 0.02 -24.42
C ASP A 261 -23.92 -1.21 -25.21
N ALA A 262 -22.61 -1.43 -25.34
CA ALA A 262 -22.08 -2.52 -26.14
C ALA A 262 -22.09 -3.86 -25.41
N LEU A 263 -22.20 -3.88 -24.10
CA LEU A 263 -22.10 -5.17 -23.45
C LEU A 263 -23.46 -5.74 -23.12
N VAL A 264 -24.31 -4.97 -22.45
CA VAL A 264 -25.63 -5.44 -21.99
C VAL A 264 -26.42 -6.04 -23.17
N GLY A 265 -27.19 -7.09 -22.88
CA GLY A 265 -28.01 -7.81 -23.86
C GLY A 265 -28.66 -9.04 -23.25
N ALA A 266 -29.37 -9.81 -24.05
CA ALA A 266 -30.13 -10.97 -23.61
C ALA A 266 -29.23 -12.19 -23.46
N ASP A 267 -28.22 -12.22 -24.31
CA ASP A 267 -27.18 -13.25 -24.34
C ASP A 267 -26.10 -13.12 -23.25
N VAL A 268 -26.22 -12.14 -22.33
CA VAL A 268 -25.23 -11.92 -21.26
C VAL A 268 -25.87 -11.82 -19.88
N PRO A 269 -25.06 -11.95 -18.83
CA PRO A 269 -25.57 -11.82 -17.51
C PRO A 269 -25.86 -10.36 -17.17
N GLU A 270 -26.66 -10.18 -16.14
CA GLU A 270 -26.89 -8.84 -15.66
C GLU A 270 -25.60 -8.31 -15.09
N LEU A 271 -25.39 -7.00 -15.22
CA LEU A 271 -24.13 -6.36 -14.82
C LEU A 271 -24.36 -5.38 -13.66
N ILE A 272 -23.56 -5.50 -12.61
CA ILE A 272 -23.59 -4.67 -11.44
C ILE A 272 -22.28 -3.90 -11.49
N LEU A 273 -22.40 -2.62 -11.83
CA LEU A 273 -21.22 -1.83 -12.04
C LEU A 273 -20.76 -1.30 -10.69
N THR A 274 -19.51 -1.63 -10.37
CA THR A 274 -19.07 -1.62 -9.01
C THR A 274 -17.92 -0.61 -8.75
N THR A 275 -18.11 0.25 -7.76
CA THR A 275 -17.17 1.27 -7.45
C THR A 275 -16.89 1.20 -5.99
N TYR A 276 -15.68 1.61 -5.62
CA TYR A 276 -15.25 1.54 -4.23
C TYR A 276 -14.07 2.44 -4.02
N PHE A 277 -13.87 2.81 -2.77
CA PHE A 277 -12.74 3.68 -2.29
C PHE A 277 -12.99 5.18 -2.31
N GLY A 278 -14.09 5.68 -2.87
CA GLY A 278 -14.36 7.11 -2.90
C GLY A 278 -15.68 7.47 -3.55
N ASP A 279 -15.72 8.69 -4.06
CA ASP A 279 -16.95 9.42 -4.32
C ASP A 279 -17.07 9.47 -5.82
N VAL A 280 -18.19 8.98 -6.35
CA VAL A 280 -18.43 8.95 -7.81
C VAL A 280 -19.19 10.18 -8.32
N ARG A 281 -19.65 11.03 -7.41
CA ARG A 281 -20.54 12.13 -7.82
C ARG A 281 -20.01 13.04 -8.93
N PRO A 282 -18.70 13.39 -8.94
CA PRO A 282 -18.29 14.27 -10.04
C PRO A 282 -18.42 13.61 -11.44
N ASN A 283 -18.41 12.27 -11.48
CA ASN A 283 -18.65 11.47 -12.70
C ASN A 283 -20.06 10.94 -12.86
N LEU A 284 -20.97 11.42 -12.02
CA LEU A 284 -22.36 10.94 -12.04
C LEU A 284 -23.03 10.95 -13.43
N LYS A 285 -22.75 11.94 -14.25
CA LYS A 285 -23.36 12.01 -15.57
C LYS A 285 -22.90 10.88 -16.48
N ALA A 286 -21.67 10.43 -16.28
CA ALA A 286 -21.12 9.39 -17.13
C ALA A 286 -21.90 8.06 -16.98
N ILE A 287 -22.58 7.92 -15.86
CA ILE A 287 -23.26 6.70 -15.55
C ILE A 287 -24.77 6.84 -15.28
N GLU A 288 -25.34 8.04 -15.35
CA GLU A 288 -26.78 8.18 -15.06
C GLU A 288 -27.77 7.60 -16.14
N ASN A 289 -27.28 7.23 -17.31
CA ASN A 289 -28.12 6.56 -18.28
C ASN A 289 -27.39 5.33 -18.85
N LEU A 290 -27.01 4.40 -17.97
CA LEU A 290 -26.35 3.17 -18.40
C LEU A 290 -27.36 2.01 -18.40
N PRO A 291 -27.25 1.08 -19.36
CA PRO A 291 -28.27 0.00 -19.36
C PRO A 291 -27.92 -1.20 -18.42
N VAL A 292 -27.06 -0.99 -17.41
CA VAL A 292 -26.68 -2.06 -16.46
C VAL A 292 -27.82 -2.37 -15.51
N ALA A 293 -27.70 -3.44 -14.75
CA ALA A 293 -28.78 -3.92 -13.93
C ALA A 293 -28.66 -3.26 -12.53
N GLY A 294 -27.56 -2.61 -12.25
CA GLY A 294 -27.37 -2.06 -10.91
C GLY A 294 -25.96 -1.54 -10.69
N PHE A 295 -25.73 -1.04 -9.47
CA PHE A 295 -24.53 -0.37 -9.11
C PHE A 295 -24.15 -0.77 -7.69
N HIS A 296 -22.87 -0.67 -7.37
CA HIS A 296 -22.38 -0.72 -6.01
C HIS A 296 -21.62 0.57 -5.70
N PHE A 297 -21.86 1.11 -4.51
CA PHE A 297 -21.06 2.22 -4.02
C PHE A 297 -20.54 1.95 -2.59
N ASP A 298 -19.51 2.68 -2.23
CA ASP A 298 -18.79 2.56 -0.97
C ASP A 298 -19.32 3.65 -0.08
N PHE A 299 -20.22 3.27 0.82
CA PHE A 299 -20.75 4.18 1.87
C PHE A 299 -19.98 4.13 3.20
N VAL A 300 -18.85 3.44 3.24
CA VAL A 300 -17.97 3.51 4.40
C VAL A 300 -17.04 4.72 4.26
N ARG A 301 -16.40 4.80 3.13
CA ARG A 301 -15.50 5.88 2.82
C ARG A 301 -16.27 7.15 2.45
N VAL A 302 -17.42 7.00 1.78
CA VAL A 302 -18.23 8.16 1.45
C VAL A 302 -19.72 7.92 1.57
N PRO A 303 -20.20 7.74 2.83
CA PRO A 303 -21.65 7.68 3.06
C PRO A 303 -22.44 8.87 2.47
N GLU A 304 -21.85 10.05 2.46
CA GLU A 304 -22.60 11.26 2.07
C GLU A 304 -23.04 11.32 0.59
N GLN A 305 -22.47 10.45 -0.25
CA GLN A 305 -22.87 10.37 -1.66
C GLN A 305 -24.20 9.65 -1.92
N LEU A 306 -24.74 8.96 -0.93
CA LEU A 306 -25.91 8.11 -1.07
C LEU A 306 -27.07 8.73 -1.84
N ASP A 307 -27.54 9.85 -1.33
CA ASP A 307 -28.70 10.54 -1.84
C ASP A 307 -28.53 10.84 -3.30
N GLU A 308 -27.40 11.42 -3.68
CA GLU A 308 -27.19 11.72 -5.09
C GLU A 308 -27.13 10.48 -5.95
N VAL A 309 -26.40 9.46 -5.53
CA VAL A 309 -26.23 8.29 -6.40
C VAL A 309 -27.51 7.51 -6.45
N ALA A 310 -28.25 7.47 -5.35
CA ALA A 310 -29.55 6.84 -5.37
C ALA A 310 -30.48 7.55 -6.37
N SER A 311 -30.44 8.87 -6.41
CA SER A 311 -31.37 9.63 -7.24
C SER A 311 -31.35 9.26 -8.74
N ILE A 312 -30.23 8.74 -9.25
CA ILE A 312 -30.09 8.33 -10.66
C ILE A 312 -30.38 6.86 -10.97
N LEU A 313 -30.78 6.08 -9.98
CA LEU A 313 -31.19 4.72 -10.30
C LEU A 313 -32.45 4.65 -11.20
N LYS A 314 -32.33 3.92 -12.30
CA LYS A 314 -33.44 3.64 -13.14
C LYS A 314 -34.34 2.59 -12.52
N ASP A 315 -35.52 2.49 -13.11
CA ASP A 315 -36.55 1.56 -12.69
C ASP A 315 -35.93 0.22 -12.91
N GLY A 316 -35.91 -0.63 -11.91
CA GLY A 316 -35.34 -1.95 -12.09
C GLY A 316 -33.89 -2.13 -11.62
N GLN A 317 -33.16 -1.02 -11.42
CA GLN A 317 -31.74 -1.12 -11.16
C GLN A 317 -31.63 -1.26 -9.68
N THR A 318 -30.73 -2.12 -9.25
CA THR A 318 -30.49 -2.27 -7.82
C THR A 318 -29.29 -1.46 -7.31
N LEU A 319 -29.31 -1.24 -6.01
CA LEU A 319 -28.25 -0.48 -5.37
C LEU A 319 -27.55 -1.29 -4.32
N SER A 320 -26.28 -1.59 -4.57
CA SER A 320 -25.49 -2.33 -3.60
C SER A 320 -24.83 -1.32 -2.64
N ALA A 321 -25.23 -1.37 -1.38
CA ALA A 321 -24.73 -0.41 -0.39
C ALA A 321 -23.56 -0.98 0.41
N GLY A 322 -22.36 -0.50 0.10
CA GLY A 322 -21.14 -0.92 0.76
C GLY A 322 -21.04 -0.33 2.15
N VAL A 323 -21.31 -1.15 3.16
CA VAL A 323 -21.35 -0.65 4.55
C VAL A 323 -20.54 -1.45 5.55
N VAL A 324 -19.87 -2.52 5.11
CA VAL A 324 -18.91 -3.22 5.96
C VAL A 324 -17.53 -3.02 5.37
N ASP A 325 -16.69 -2.30 6.11
CA ASP A 325 -15.36 -1.89 5.63
C ASP A 325 -14.51 -3.01 5.03
N GLY A 326 -14.24 -2.96 3.75
CA GLY A 326 -13.31 -3.94 3.14
C GLY A 326 -11.82 -3.61 3.40
N ARG A 327 -11.50 -2.46 3.99
CA ARG A 327 -10.07 -2.11 4.16
C ARG A 327 -9.51 -1.94 5.60
N ASN A 328 -10.34 -2.14 6.64
CA ASN A 328 -9.88 -1.99 7.98
C ASN A 328 -10.59 -3.06 8.81
N ILE A 329 -10.17 -3.22 10.05
CA ILE A 329 -10.45 -4.44 10.79
C ILE A 329 -11.39 -4.26 12.02
N TRP A 330 -12.02 -3.11 12.14
CA TRP A 330 -12.90 -2.79 13.26
C TRP A 330 -14.27 -3.43 13.08
N LYS A 331 -14.75 -4.02 14.17
CA LYS A 331 -16.11 -4.52 14.25
C LYS A 331 -17.07 -3.46 13.80
N THR A 332 -17.93 -3.78 12.83
CA THR A 332 -18.87 -2.80 12.30
C THR A 332 -19.90 -2.45 13.34
N ASP A 333 -20.25 -1.16 13.41
CA ASP A 333 -21.38 -0.69 14.22
C ASP A 333 -22.68 -1.07 13.50
N PHE A 334 -23.38 -2.07 14.00
CA PHE A 334 -24.51 -2.63 13.24
C PHE A 334 -25.69 -1.64 13.14
N ALA A 335 -25.83 -0.81 14.16
CA ALA A 335 -26.90 0.16 14.17
C ALA A 335 -26.67 1.23 13.11
N LYS A 336 -25.45 1.80 13.06
CA LYS A 336 -25.13 2.84 12.08
C LYS A 336 -25.07 2.32 10.66
N ALA A 337 -24.48 1.16 10.44
CA ALA A 337 -24.48 0.53 9.11
C ALA A 337 -25.91 0.26 8.67
N SER A 338 -26.73 -0.26 9.58
CA SER A 338 -28.13 -0.52 9.18
C SER A 338 -28.88 0.75 8.78
N ALA A 339 -28.57 1.85 9.47
CA ALA A 339 -29.22 3.14 9.19
C ALA A 339 -28.76 3.68 7.85
N VAL A 340 -27.52 3.38 7.46
CA VAL A 340 -27.08 3.73 6.11
C VAL A 340 -27.92 2.92 5.10
N VAL A 341 -28.03 1.60 5.31
CA VAL A 341 -28.82 0.78 4.38
C VAL A 341 -30.30 1.18 4.34
N GLN A 342 -30.83 1.52 5.49
CA GLN A 342 -32.20 1.99 5.52
C GLN A 342 -32.39 3.32 4.75
N LYS A 343 -31.42 4.23 4.80
CA LYS A 343 -31.54 5.48 4.01
C LYS A 343 -31.68 5.14 2.49
N ALA A 344 -31.01 4.09 2.06
CA ALA A 344 -31.09 3.65 0.65
C ALA A 344 -32.39 2.95 0.35
N ILE A 345 -32.87 2.16 1.29
CA ILE A 345 -34.14 1.52 1.16
C ILE A 345 -35.19 2.60 0.96
N GLU A 346 -35.19 3.59 1.84
CA GLU A 346 -36.14 4.66 1.79
C GLU A 346 -36.18 5.32 0.40
N LYS A 347 -35.02 5.54 -0.23
CA LYS A 347 -35.01 6.21 -1.53
C LYS A 347 -35.43 5.28 -2.65
N VAL A 348 -35.15 3.98 -2.50
CA VAL A 348 -35.21 3.03 -3.61
C VAL A 348 -36.06 1.75 -3.43
N GLY A 349 -36.40 1.37 -2.21
CA GLY A 349 -37.23 0.20 -1.97
C GLY A 349 -36.43 -1.01 -1.56
N LYS A 350 -36.97 -1.79 -0.63
CA LYS A 350 -36.19 -2.85 0.02
C LYS A 350 -35.80 -3.94 -0.94
N ASP A 351 -36.64 -4.19 -1.95
CA ASP A 351 -36.36 -5.24 -2.92
C ASP A 351 -35.20 -4.86 -3.90
N LYS A 352 -34.74 -3.61 -3.88
CA LYS A 352 -33.72 -3.10 -4.79
C LYS A 352 -32.39 -2.68 -4.08
N VAL A 353 -32.26 -2.98 -2.80
CA VAL A 353 -31.06 -2.72 -2.02
C VAL A 353 -30.42 -4.02 -1.59
N VAL A 354 -29.11 -4.00 -1.43
CA VAL A 354 -28.31 -5.18 -1.10
C VAL A 354 -27.30 -4.70 -0.11
N VAL A 355 -27.12 -5.41 1.01
CA VAL A 355 -26.09 -5.06 2.00
C VAL A 355 -24.74 -5.65 1.60
N ALA A 356 -23.70 -4.80 1.49
CA ALA A 356 -22.45 -5.26 0.89
C ALA A 356 -21.22 -4.87 1.67
N THR A 357 -20.13 -5.59 1.44
CA THR A 357 -18.85 -5.12 1.86
C THR A 357 -18.49 -3.92 0.96
N SER A 358 -17.74 -2.98 1.52
CA SER A 358 -17.53 -1.70 0.83
C SER A 358 -16.66 -1.89 -0.41
N SER A 359 -15.71 -2.80 -0.28
CA SER A 359 -14.78 -3.24 -1.29
C SER A 359 -14.52 -4.74 -1.10
N SER A 360 -13.79 -5.36 -2.01
CA SER A 360 -13.26 -6.68 -1.75
C SER A 360 -12.60 -6.73 -0.37
N LEU A 361 -12.69 -7.88 0.26
CA LEU A 361 -12.06 -8.09 1.56
C LEU A 361 -10.60 -8.53 1.40
N LEU A 362 -10.14 -8.54 0.17
CA LEU A 362 -8.73 -8.69 -0.14
C LEU A 362 -7.83 -7.91 0.81
N HIS A 363 -8.25 -6.72 1.17
CA HIS A 363 -7.40 -5.82 1.94
C HIS A 363 -7.54 -6.05 3.44
N THR A 364 -8.19 -7.13 3.86
CA THR A 364 -8.25 -7.43 5.30
C THR A 364 -7.70 -8.82 5.57
N PRO A 365 -7.29 -9.07 6.84
CA PRO A 365 -6.82 -10.40 7.14
C PRO A 365 -7.94 -11.46 7.09
N VAL A 366 -7.55 -12.72 7.03
CA VAL A 366 -8.48 -13.81 6.85
C VAL A 366 -9.39 -14.08 8.03
N ASP A 367 -8.83 -14.22 9.24
CA ASP A 367 -9.59 -14.80 10.35
C ASP A 367 -9.15 -14.36 11.72
N LEU A 368 -10.01 -13.64 12.43
CA LEU A 368 -9.69 -13.18 13.79
C LEU A 368 -9.44 -14.35 14.74
N GLU A 369 -10.12 -15.46 14.52
CA GLU A 369 -10.07 -16.56 15.49
C GLU A 369 -8.67 -17.18 15.54
N SER A 370 -7.85 -16.94 14.55
CA SER A 370 -6.46 -17.35 14.61
C SER A 370 -5.64 -16.60 15.63
N GLU A 371 -6.10 -15.45 16.09
CA GLU A 371 -5.28 -14.64 16.97
C GLU A 371 -5.21 -15.25 18.35
N THR A 372 -4.02 -15.75 18.73
CA THR A 372 -3.87 -16.44 20.03
C THR A 372 -3.46 -15.53 21.22
N LYS A 373 -2.84 -14.39 20.93
CA LYS A 373 -2.25 -13.53 21.98
C LYS A 373 -3.10 -12.34 22.38
N LEU A 374 -3.98 -11.83 21.51
CA LEU A 374 -4.78 -10.64 21.86
C LEU A 374 -5.64 -10.77 23.11
N ASP A 375 -5.58 -9.72 23.91
CA ASP A 375 -6.56 -9.46 24.97
C ASP A 375 -7.96 -9.61 24.37
N ALA A 376 -8.83 -10.30 25.10
CA ALA A 376 -10.22 -10.52 24.69
C ALA A 376 -10.99 -9.19 24.62
N VAL A 377 -10.64 -8.24 25.49
CA VAL A 377 -11.21 -6.91 25.48
C VAL A 377 -10.94 -6.21 24.16
N ILE A 378 -9.72 -6.35 23.68
CA ILE A 378 -9.28 -5.73 22.44
C ILE A 378 -9.85 -6.48 21.29
N LYS A 379 -9.78 -7.80 21.34
CA LYS A 379 -10.22 -8.63 20.23
C LYS A 379 -11.72 -8.42 19.97
N ASP A 380 -12.46 -8.11 21.02
CA ASP A 380 -13.87 -7.77 20.91
C ASP A 380 -14.13 -6.52 20.02
N TRP A 381 -13.08 -5.78 19.64
CA TRP A 381 -13.28 -4.57 18.84
C TRP A 381 -13.11 -4.88 17.39
N PHE A 382 -12.53 -6.03 17.10
CA PHE A 382 -12.13 -6.31 15.76
C PHE A 382 -13.06 -7.26 15.03
N SER A 383 -12.99 -7.21 13.68
CA SER A 383 -13.53 -8.23 12.78
C SER A 383 -12.62 -8.34 11.56
N PHE A 384 -12.14 -9.53 11.22
CA PHE A 384 -11.37 -9.73 10.02
C PHE A 384 -12.28 -10.30 8.97
N ALA A 385 -11.74 -10.82 7.87
CA ALA A 385 -12.60 -11.04 6.69
C ALA A 385 -13.69 -12.04 7.01
N THR A 386 -13.34 -13.14 7.70
CA THR A 386 -14.29 -14.19 8.07
C THR A 386 -15.43 -13.67 8.96
N GLN A 387 -15.11 -12.75 9.86
CA GLN A 387 -16.13 -12.23 10.76
C GLN A 387 -17.01 -11.27 9.98
N LYS A 388 -16.44 -10.56 9.00
CA LYS A 388 -17.22 -9.60 8.22
C LYS A 388 -18.36 -10.28 7.37
N LEU A 389 -18.17 -11.57 7.00
CA LEU A 389 -19.24 -12.40 6.34
C LEU A 389 -20.49 -12.43 7.19
N ASP A 390 -20.31 -12.66 8.46
CA ASP A 390 -21.40 -12.72 9.43
C ASP A 390 -22.03 -11.34 9.64
N GLU A 391 -21.21 -10.31 9.60
CA GLU A 391 -21.72 -8.94 9.71
C GLU A 391 -22.71 -8.50 8.57
N VAL A 392 -22.36 -8.74 7.31
CA VAL A 392 -23.29 -8.40 6.24
C VAL A 392 -24.57 -9.23 6.28
N VAL A 393 -24.47 -10.48 6.70
CA VAL A 393 -25.67 -11.28 6.89
C VAL A 393 -26.55 -10.74 8.04
N VAL A 394 -25.94 -10.38 9.18
CA VAL A 394 -26.71 -9.93 10.29
C VAL A 394 -27.37 -8.60 9.90
N ILE A 395 -26.64 -7.78 9.16
CA ILE A 395 -27.14 -6.46 8.81
C ILE A 395 -28.33 -6.59 7.87
N ALA A 396 -28.21 -7.46 6.87
CA ALA A 396 -29.31 -7.72 5.93
C ALA A 396 -30.60 -8.20 6.64
N LYS A 397 -30.46 -9.09 7.60
CA LYS A 397 -31.56 -9.57 8.36
C LYS A 397 -32.23 -8.45 9.19
N ASN A 398 -31.44 -7.65 9.86
CA ASN A 398 -31.95 -6.58 10.68
C ASN A 398 -32.83 -5.62 9.85
N VAL A 399 -32.35 -5.18 8.69
CA VAL A 399 -33.16 -4.31 7.84
C VAL A 399 -34.28 -5.07 7.10
N SER A 400 -34.18 -6.39 7.00
CA SER A 400 -35.28 -7.16 6.41
C SER A 400 -36.51 -7.20 7.31
N GLY A 401 -36.30 -7.05 8.61
CA GLY A 401 -37.37 -7.15 9.60
C GLY A 401 -37.23 -8.32 10.55
N GLU A 402 -36.20 -9.15 10.35
CA GLU A 402 -35.97 -10.31 11.23
C GLU A 402 -35.51 -9.79 12.56
N ASP A 403 -35.92 -10.48 13.62
CA ASP A 403 -35.43 -10.23 14.95
C ASP A 403 -34.00 -10.77 14.96
N VAL A 404 -33.04 -9.87 15.11
CA VAL A 404 -31.64 -10.20 15.41
C VAL A 404 -31.21 -9.31 16.57
N SER A 405 -32.11 -9.16 17.53
CA SER A 405 -31.90 -8.26 18.66
C SER A 405 -30.80 -8.74 19.61
N LYS A 406 -30.49 -10.04 19.57
CA LYS A 406 -29.41 -10.60 20.41
C LYS A 406 -28.04 -10.08 19.92
N GLN A 407 -27.72 -10.42 18.67
CA GLN A 407 -26.56 -9.85 17.95
C GLN A 407 -26.46 -8.31 18.03
N LEU A 408 -27.53 -7.60 17.69
CA LEU A 408 -27.54 -6.14 17.88
C LEU A 408 -27.11 -5.74 19.27
N GLU A 409 -27.58 -6.47 20.27
CA GLU A 409 -27.26 -6.14 21.65
C GLU A 409 -25.80 -6.50 21.90
N ALA A 410 -25.36 -7.65 21.42
CA ALA A 410 -23.97 -8.00 21.64
C ALA A 410 -23.08 -6.94 20.92
N ASN A 411 -23.43 -6.64 19.68
CA ASN A 411 -22.70 -5.67 18.91
C ASN A 411 -22.64 -4.32 19.59
N ALA A 412 -23.82 -3.76 19.90
CA ALA A 412 -23.92 -2.49 20.68
C ALA A 412 -23.10 -2.50 21.96
N ALA A 413 -23.02 -3.64 22.61
CA ALA A 413 -22.21 -3.77 23.82
C ALA A 413 -20.71 -3.69 23.50
N SER A 414 -20.30 -4.30 22.38
CA SER A 414 -18.90 -4.26 21.98
C SER A 414 -18.50 -2.85 21.61
N ILE A 415 -19.34 -2.18 20.84
CA ILE A 415 -19.09 -0.80 20.42
C ILE A 415 -19.00 0.15 21.59
N LYS A 416 -19.94 0.04 22.55
CA LYS A 416 -19.95 0.91 23.71
C LYS A 416 -18.66 0.72 24.55
N ALA A 417 -18.23 -0.52 24.70
CA ALA A 417 -17.01 -0.81 25.47
C ALA A 417 -15.78 -0.13 24.83
N ARG A 418 -15.64 -0.25 23.51
CA ARG A 418 -14.51 0.37 22.85
C ARG A 418 -14.43 1.86 23.11
N SER A 419 -15.54 2.57 22.89
CA SER A 419 -15.53 4.04 22.95
C SER A 419 -15.35 4.59 24.38
N GLU A 420 -15.34 3.71 25.38
CA GLU A 420 -15.05 4.10 26.77
C GLU A 420 -13.64 3.73 27.24
N SER A 421 -13.05 2.70 26.65
CA SER A 421 -11.78 2.14 27.16
C SER A 421 -10.69 3.18 27.29
N SER A 422 -9.91 3.07 28.37
CA SER A 422 -8.73 3.91 28.55
C SER A 422 -7.65 3.48 27.55
N ILE A 423 -7.73 2.24 27.05
CA ILE A 423 -6.84 1.84 25.98
C ILE A 423 -6.94 2.86 24.84
N THR A 424 -8.00 3.68 24.84
CA THR A 424 -8.20 4.71 23.82
C THR A 424 -8.22 6.15 24.36
N ASN A 425 -8.10 6.33 25.66
CA ASN A 425 -8.31 7.63 26.29
C ASN A 425 -7.06 8.09 27.02
N ASP A 426 -6.17 8.77 26.31
CA ASP A 426 -4.96 9.19 26.98
C ASP A 426 -4.93 10.70 27.23
N PRO A 427 -5.33 11.12 28.44
CA PRO A 427 -5.40 12.52 28.79
C PRO A 427 -4.10 13.32 28.56
N LYS A 428 -2.92 12.70 28.73
CA LYS A 428 -1.64 13.38 28.48
C LYS A 428 -1.45 13.70 27.00
N VAL A 429 -1.73 12.73 26.13
CA VAL A 429 -1.64 12.95 24.70
C VAL A 429 -2.63 14.04 24.28
N GLN A 430 -3.84 13.98 24.76
CA GLN A 430 -4.86 15.00 24.42
C GLN A 430 -4.37 16.40 24.76
N GLU A 431 -3.77 16.53 25.93
CA GLU A 431 -3.27 17.83 26.38
C GLU A 431 -2.10 18.23 25.47
N ARG A 432 -1.27 17.26 25.11
CA ARG A 432 -0.12 17.59 24.32
C ARG A 432 -0.56 18.04 22.94
N LEU A 433 -1.61 17.43 22.40
CA LEU A 433 -2.14 17.87 21.10
C LEU A 433 -2.44 19.39 21.08
N THR A 434 -3.05 19.89 22.13
CA THR A 434 -3.34 21.33 22.26
C THR A 434 -2.09 22.20 22.12
N THR A 435 -0.94 21.72 22.58
CA THR A 435 0.30 22.48 22.45
C THR A 435 0.83 22.61 21.03
N ILE A 436 0.19 21.97 20.06
CA ILE A 436 0.68 22.04 18.71
C ILE A 436 0.42 23.44 18.17
N ASN A 437 1.47 24.10 17.70
CA ASN A 437 1.31 25.42 17.07
C ASN A 437 2.44 25.63 16.04
N GLU A 438 2.49 26.82 15.46
CA GLU A 438 3.49 27.25 14.51
C GLU A 438 4.90 26.99 14.96
N ALA A 439 5.23 27.47 16.16
CA ALA A 439 6.60 27.36 16.68
C ALA A 439 7.02 25.92 16.72
N LEU A 440 6.14 25.10 17.29
CA LEU A 440 6.44 23.69 17.42
C LEU A 440 6.68 22.99 16.08
N ALA A 441 6.23 23.57 14.97
CA ALA A 441 6.50 22.99 13.64
C ALA A 441 7.44 23.87 12.81
N THR A 442 8.29 24.64 13.48
CA THR A 442 9.27 25.50 12.81
C THR A 442 10.62 25.38 13.48
N ARG A 443 11.67 25.24 12.65
CA ARG A 443 13.04 25.25 13.15
C ARG A 443 13.33 26.62 13.76
N LYS A 444 14.33 26.70 14.64
CA LYS A 444 14.69 27.92 15.39
C LYS A 444 15.21 29.02 14.46
N ALA A 445 15.85 28.62 13.37
CA ALA A 445 16.35 29.52 12.36
C ALA A 445 16.05 28.92 11.00
N ALA A 446 16.01 29.79 9.98
CA ALA A 446 15.87 29.38 8.58
C ALA A 446 17.13 28.73 8.07
N PHE A 447 17.00 28.00 6.98
CA PHE A 447 18.07 27.13 6.51
C PHE A 447 19.44 27.82 6.28
N PRO A 448 19.47 29.03 5.70
CA PRO A 448 20.76 29.68 5.45
C PRO A 448 21.56 29.86 6.73
N GLU A 449 20.85 30.17 7.81
CA GLU A 449 21.49 30.33 9.12
C GLU A 449 21.87 28.98 9.70
N ARG A 450 21.06 27.97 9.42
CA ARG A 450 21.39 26.63 9.85
C ARG A 450 22.63 26.11 9.12
N LEU A 451 22.79 26.45 7.85
CA LEU A 451 23.83 25.85 7.06
C LEU A 451 25.19 26.28 7.58
N THR A 452 25.31 27.55 8.01
CA THR A 452 26.55 28.10 8.58
C THR A 452 27.01 27.33 9.82
N GLU A 453 26.08 27.15 10.77
CA GLU A 453 26.39 26.40 11.99
C GLU A 453 26.71 24.92 11.68
N GLN A 454 26.10 24.36 10.64
CA GLN A 454 26.40 22.98 10.23
C GLN A 454 27.71 22.80 9.43
N LYS A 455 28.06 23.77 8.59
CA LYS A 455 29.34 23.72 7.92
C LYS A 455 30.45 23.76 8.98
N ALA A 456 30.30 24.58 10.01
CA ALA A 456 31.32 24.69 11.07
C ALA A 456 31.37 23.39 11.87
N LYS A 457 30.20 22.88 12.26
CA LYS A 457 30.18 21.69 13.07
C LYS A 457 30.69 20.45 12.30
N TYR A 458 30.14 20.15 11.12
CA TYR A 458 30.59 18.93 10.39
C TYR A 458 31.66 19.18 9.35
N ASN A 459 31.73 20.40 8.86
CA ASN A 459 32.69 20.73 7.80
C ASN A 459 32.76 19.65 6.72
N LEU A 460 31.60 19.25 6.23
CA LEU A 460 31.50 18.33 5.12
C LEU A 460 32.01 18.95 3.80
N PRO A 461 32.58 18.10 2.91
CA PRO A 461 33.13 18.58 1.64
C PRO A 461 31.99 18.69 0.66
N LEU A 462 32.17 19.46 -0.41
CA LEU A 462 31.13 19.52 -1.43
C LEU A 462 30.91 18.11 -1.99
N PHE A 463 29.72 17.89 -2.55
CA PHE A 463 29.36 16.57 -3.03
C PHE A 463 29.51 15.49 -1.96
N PRO A 464 28.95 15.75 -0.75
CA PRO A 464 29.10 14.79 0.34
C PRO A 464 28.45 13.47 -0.06
N THR A 465 29.01 12.36 0.39
CA THR A 465 28.50 11.05 -0.02
C THR A 465 27.84 10.38 1.15
N THR A 466 26.67 9.84 0.88
CA THR A 466 25.94 9.09 1.86
C THR A 466 25.14 7.94 1.20
N THR A 467 24.35 7.28 2.05
CA THR A 467 23.56 6.11 1.71
C THR A 467 22.26 6.21 2.54
N ILE A 468 21.26 5.39 2.25
CA ILE A 468 19.92 5.62 2.80
C ILE A 468 19.61 4.94 4.14
N GLY A 469 20.37 3.90 4.47
CA GLY A 469 20.26 3.24 5.79
C GLY A 469 20.46 1.73 5.88
N SER A 470 19.85 0.96 4.98
CA SER A 470 19.88 -0.51 5.07
C SER A 470 20.90 -1.14 4.14
N PHE A 471 21.68 -2.09 4.67
CA PHE A 471 22.68 -2.87 3.89
C PHE A 471 22.31 -4.37 3.84
N PRO A 472 23.03 -5.17 3.02
CA PRO A 472 22.77 -6.62 3.04
C PRO A 472 22.98 -7.25 4.42
N GLN A 473 22.28 -8.36 4.70
CA GLN A 473 22.25 -8.96 6.04
C GLN A 473 22.63 -10.46 6.05
N THR A 474 23.35 -10.87 7.11
CA THR A 474 23.93 -12.23 7.23
C THR A 474 23.01 -13.23 7.96
N LYS A 475 23.29 -14.52 7.77
CA LYS A 475 22.47 -15.60 8.35
C LYS A 475 22.51 -15.63 9.88
N ASP A 476 23.70 -15.41 10.43
CA ASP A 476 23.85 -15.31 11.90
C ASP A 476 22.78 -14.40 12.54
N ILE A 477 22.42 -13.30 11.86
CA ILE A 477 21.35 -12.35 12.28
C ILE A 477 20.08 -13.02 12.82
N ARG A 478 19.38 -13.75 11.93
CA ARG A 478 18.02 -14.19 12.22
C ARG A 478 18.08 -15.20 13.35
N ILE A 479 18.99 -16.17 13.21
CA ILE A 479 19.21 -17.22 14.23
C ILE A 479 19.47 -16.56 15.58
N ASN A 480 20.34 -15.55 15.59
CA ASN A 480 20.59 -14.78 16.81
C ASN A 480 19.32 -14.09 17.32
N ARG A 481 18.55 -13.44 16.43
CA ARG A 481 17.26 -12.83 16.81
C ARG A 481 16.34 -13.86 17.46
N ASN A 482 16.25 -15.01 16.81
CA ASN A 482 15.47 -16.14 17.26
C ASN A 482 15.88 -16.67 18.63
N LYS A 483 17.17 -17.01 18.79
CA LYS A 483 17.71 -17.51 20.05
C LYS A 483 17.33 -16.61 21.23
N PHE A 484 17.45 -15.30 21.04
CA PHE A 484 17.05 -14.32 22.05
C PHE A 484 15.53 -14.24 22.26
N ALA A 485 14.77 -14.48 21.19
CA ALA A 485 13.31 -14.61 21.31
C ALA A 485 12.86 -15.86 22.12
N LYS A 486 13.45 -17.02 21.84
CA LYS A 486 13.18 -18.23 22.65
C LYS A 486 13.96 -18.23 23.98
N GLY A 487 14.66 -17.15 24.27
CA GLY A 487 15.47 -17.05 25.49
C GLY A 487 16.86 -17.67 25.46
N GLN A 488 17.27 -18.20 24.30
CA GLN A 488 18.53 -19.00 24.16
C GLN A 488 19.81 -18.22 24.48
N ILE A 489 19.97 -17.03 23.91
CA ILE A 489 21.07 -16.15 24.28
C ILE A 489 20.45 -15.00 25.06
N THR A 490 21.29 -14.33 25.85
CA THR A 490 20.84 -13.22 26.69
C THR A 490 20.65 -11.95 25.85
N ALA A 491 19.93 -10.98 26.43
CA ALA A 491 19.89 -9.62 25.88
C ALA A 491 21.31 -9.09 25.74
N GLU A 492 22.16 -9.38 26.73
CA GLU A 492 23.59 -9.01 26.71
C GLU A 492 24.45 -10.07 26.00
N GLU A 493 23.80 -10.93 25.21
CA GLU A 493 24.46 -11.71 24.15
C GLU A 493 24.04 -11.11 22.79
N TYR A 494 22.74 -10.98 22.58
CA TYR A 494 22.17 -10.48 21.31
C TYR A 494 22.59 -9.03 21.02
N GLU A 495 22.71 -8.21 22.07
CA GLU A 495 23.10 -6.81 21.93
C GLU A 495 24.52 -6.72 21.35
N ALA A 496 25.37 -7.66 21.71
CA ALA A 496 26.74 -7.70 21.22
C ALA A 496 26.83 -8.31 19.81
N PHE A 497 25.97 -9.29 19.51
CA PHE A 497 25.90 -9.84 18.16
C PHE A 497 25.46 -8.72 17.18
N ILE A 498 24.56 -7.86 17.63
CA ILE A 498 24.11 -6.77 16.76
C ILE A 498 25.18 -5.67 16.58
N ASN A 499 25.94 -5.37 17.64
CA ASN A 499 27.00 -4.34 17.55
C ASN A 499 28.19 -4.71 16.69
N LYS A 500 28.48 -6.01 16.66
CA LYS A 500 29.49 -6.53 15.77
C LYS A 500 29.02 -6.35 14.34
N GLU A 501 27.72 -6.58 14.11
CA GLU A 501 27.16 -6.43 12.78
C GLU A 501 27.11 -4.96 12.39
N ILE A 502 26.86 -4.07 13.37
CA ILE A 502 26.94 -2.63 13.08
C ILE A 502 28.41 -2.26 12.81
N GLU A 503 29.33 -2.75 13.66
CA GLU A 503 30.80 -2.54 13.51
C GLU A 503 31.33 -2.97 12.16
N THR A 504 30.89 -4.14 11.71
CA THR A 504 31.22 -4.59 10.37
C THR A 504 30.75 -3.53 9.35
N VAL A 505 29.50 -3.07 9.52
CA VAL A 505 28.85 -2.13 8.58
C VAL A 505 29.49 -0.72 8.54
N VAL A 506 29.84 -0.18 9.72
CA VAL A 506 30.50 1.13 9.82
C VAL A 506 31.93 1.10 9.35
N ARG A 507 32.64 0.01 9.69
CA ARG A 507 34.05 -0.15 9.25
C ARG A 507 34.14 -0.11 7.73
N PHE A 508 33.19 -0.78 7.09
CA PHE A 508 33.14 -0.88 5.63
C PHE A 508 32.98 0.49 4.98
N GLN A 509 32.04 1.27 5.50
CA GLN A 509 31.78 2.60 4.97
C GLN A 509 33.03 3.45 5.11
N GLU A 510 33.70 3.38 6.27
CA GLU A 510 34.88 4.25 6.50
C GLU A 510 35.95 4.03 5.46
N GLU A 511 36.33 2.77 5.24
CA GLU A 511 37.41 2.45 4.29
C GLU A 511 36.99 2.84 2.87
N ILE A 512 35.69 2.70 2.60
CA ILE A 512 35.08 3.17 1.36
C ILE A 512 35.14 4.70 1.21
N GLY A 513 35.18 5.41 2.33
CA GLY A 513 35.24 6.87 2.34
C GLY A 513 33.93 7.63 2.15
N LEU A 514 32.81 7.10 2.64
CA LEU A 514 31.56 7.88 2.65
C LEU A 514 31.59 8.90 3.80
N ASP A 515 30.94 10.04 3.63
CA ASP A 515 31.11 11.16 4.56
C ASP A 515 30.12 11.04 5.70
N VAL A 516 28.85 10.90 5.35
CA VAL A 516 27.81 10.72 6.36
C VAL A 516 27.34 9.26 6.35
N LEU A 517 27.48 8.61 7.51
CA LEU A 517 27.26 7.20 7.60
C LEU A 517 25.93 6.80 8.24
N VAL A 518 25.60 5.54 8.01
CA VAL A 518 24.42 4.90 8.57
C VAL A 518 24.86 3.66 9.34
N HIS A 519 23.92 3.03 10.06
CA HIS A 519 24.27 1.82 10.82
C HIS A 519 23.83 0.49 10.21
N GLY A 520 23.12 0.50 9.09
CA GLY A 520 22.71 -0.75 8.46
C GLY A 520 21.42 -1.40 8.99
N GLU A 521 20.93 -0.93 10.13
CA GLU A 521 19.59 -1.30 10.62
C GLU A 521 19.40 -2.79 10.97
N PRO A 522 20.47 -3.42 11.47
CA PRO A 522 20.45 -4.88 11.63
C PRO A 522 19.48 -5.31 12.74
N GLU A 523 19.29 -4.46 13.74
CA GLU A 523 18.28 -4.73 14.77
C GLU A 523 16.81 -4.65 14.27
N ARG A 524 16.60 -4.25 13.01
CA ARG A 524 15.25 -3.95 12.50
C ARG A 524 14.56 -4.97 11.59
N ASN A 525 13.33 -5.30 11.97
CA ASN A 525 12.28 -5.92 11.13
C ASN A 525 11.60 -4.85 10.22
N ASP A 526 10.28 -4.94 9.98
CA ASP A 526 9.53 -3.97 9.15
C ASP A 526 9.78 -2.55 9.69
N MET A 527 9.95 -1.58 8.79
CA MET A 527 10.31 -0.24 9.18
C MET A 527 9.16 0.51 9.89
N VAL A 528 8.04 -0.17 10.06
CA VAL A 528 6.90 0.32 10.81
C VAL A 528 6.67 -0.45 12.11
N GLN A 529 6.65 -1.76 12.02
CA GLN A 529 6.41 -2.60 13.17
C GLN A 529 7.49 -2.40 14.22
N TYR A 530 8.66 -2.03 13.75
CA TYR A 530 9.78 -1.79 14.64
C TYR A 530 9.44 -0.61 15.55
N PHE A 531 8.74 0.37 14.98
CA PHE A 531 8.29 1.51 15.77
C PHE A 531 6.98 1.21 16.53
N GLY A 532 6.02 0.60 15.86
CA GLY A 532 4.77 0.26 16.54
C GLY A 532 4.96 -0.52 17.83
N GLU A 533 5.77 -1.59 17.79
CA GLU A 533 6.02 -2.39 18.99
C GLU A 533 6.56 -1.54 20.14
N GLN A 534 7.21 -0.44 19.83
CA GLN A 534 7.73 0.40 20.87
C GLN A 534 6.86 1.62 21.17
N LEU A 535 5.60 1.61 20.71
CA LEU A 535 4.70 2.74 20.93
C LEU A 535 3.40 2.33 21.59
N ASN A 536 2.97 3.07 22.59
CA ASN A 536 1.66 2.92 23.17
C ASN A 536 0.57 3.31 22.17
N GLY A 537 -0.61 2.70 22.28
CA GLY A 537 -1.70 2.96 21.35
C GLY A 537 -1.82 1.92 20.23
N PHE A 538 -0.93 0.93 20.24
CA PHE A 538 -0.84 -0.06 19.16
C PHE A 538 -1.14 -1.46 19.65
N ALA A 539 -1.53 -2.32 18.70
CA ALA A 539 -1.64 -3.74 18.92
C ALA A 539 -1.15 -4.46 17.67
N PHE A 540 -0.72 -5.70 17.85
CA PHE A 540 -0.22 -6.53 16.80
C PHE A 540 -0.91 -7.85 16.86
N THR A 541 -0.86 -8.50 15.71
CA THR A 541 -1.47 -9.76 15.48
C THR A 541 -0.37 -10.81 15.29
N THR A 542 -0.71 -12.06 15.46
CA THR A 542 0.17 -13.15 15.07
C THR A 542 -0.14 -13.55 13.65
N ASN A 543 -1.40 -13.44 13.23
CA ASN A 543 -1.79 -13.96 11.91
C ASN A 543 -2.53 -12.95 11.00
N GLY A 544 -2.51 -11.66 11.34
CA GLY A 544 -3.26 -10.67 10.55
C GLY A 544 -2.57 -10.30 9.25
N TRP A 545 -2.38 -11.29 8.39
CA TRP A 545 -1.64 -11.10 7.14
C TRP A 545 -2.55 -10.59 6.01
N VAL A 546 -2.07 -9.63 5.23
CA VAL A 546 -2.76 -9.10 4.03
C VAL A 546 -1.79 -9.18 2.83
N GLN A 547 -2.25 -9.52 1.65
CA GLN A 547 -1.35 -9.53 0.47
C GLN A 547 -0.93 -8.13 0.01
N SER A 548 0.37 -7.82 -0.04
CA SER A 548 0.86 -6.49 -0.53
C SER A 548 1.09 -6.56 -2.00
N TYR A 549 1.68 -7.67 -2.46
CA TYR A 549 1.95 -7.89 -3.87
C TYR A 549 2.50 -9.29 -3.98
N GLY A 550 1.99 -10.05 -4.92
CA GLY A 550 2.52 -11.34 -5.18
C GLY A 550 2.37 -12.26 -3.99
N SER A 551 3.48 -12.93 -3.65
CA SER A 551 3.45 -13.92 -2.61
C SER A 551 3.92 -13.22 -1.38
N ARG A 552 4.04 -11.90 -1.46
CA ARG A 552 4.70 -11.09 -0.49
C ARG A 552 3.63 -10.36 0.35
N TYR A 553 3.62 -10.61 1.65
CA TYR A 553 2.52 -10.21 2.52
C TYR A 553 2.98 -9.29 3.60
N VAL A 554 2.02 -8.57 4.21
CA VAL A 554 2.34 -7.71 5.37
C VAL A 554 1.40 -8.07 6.49
N ARG A 555 1.81 -7.73 7.69
CA ARG A 555 1.02 -7.97 8.84
C ARG A 555 1.02 -6.64 9.56
N PRO A 556 0.11 -5.73 9.16
CA PRO A 556 0.20 -4.39 9.62
C PRO A 556 -0.11 -4.30 11.09
N PRO A 557 0.58 -3.40 11.80
CA PRO A 557 0.21 -2.99 13.14
C PRO A 557 -1.22 -2.44 13.12
N ILE A 558 -1.89 -2.41 14.28
CA ILE A 558 -3.19 -1.75 14.42
C ILE A 558 -3.14 -0.63 15.45
N ILE A 559 -3.69 0.53 15.10
CA ILE A 559 -3.73 1.62 16.01
C ILE A 559 -5.04 1.51 16.69
N VAL A 560 -5.03 1.39 18.03
CA VAL A 560 -6.29 1.21 18.77
C VAL A 560 -6.54 2.38 19.68
N GLY A 561 -5.54 3.22 19.88
CA GLY A 561 -5.75 4.29 20.82
C GLY A 561 -4.71 5.35 20.74
N ASP A 562 -4.80 6.29 21.66
CA ASP A 562 -3.93 7.42 21.65
C ASP A 562 -2.50 6.95 21.74
N VAL A 563 -1.70 7.46 20.82
CA VAL A 563 -0.34 7.04 20.68
C VAL A 563 0.62 7.97 21.42
N SER A 564 1.62 7.33 22.05
CA SER A 564 2.75 7.99 22.66
C SER A 564 3.95 7.04 22.66
N ARG A 565 5.11 7.59 23.00
CA ARG A 565 6.36 6.85 23.01
C ARG A 565 6.88 6.85 24.44
N PRO A 566 6.85 5.72 25.13
CA PRO A 566 7.26 5.80 26.55
C PRO A 566 8.76 5.91 26.79
N LYS A 567 9.54 5.38 25.86
CA LYS A 567 10.97 5.46 25.98
C LYS A 567 11.68 5.34 24.61
N ALA A 568 12.98 5.56 24.66
CA ALA A 568 13.91 5.48 23.57
C ALA A 568 13.76 4.22 22.75
N MET A 569 13.61 4.40 21.44
CA MET A 569 13.30 3.30 20.53
C MET A 569 14.51 2.80 19.74
N THR A 570 15.43 3.72 19.39
CA THR A 570 16.49 3.49 18.38
C THR A 570 17.85 4.03 18.83
N VAL A 571 17.91 4.63 20.01
CA VAL A 571 19.00 5.42 20.45
C VAL A 571 20.27 4.59 20.70
N LYS A 572 20.08 3.42 21.34
CA LYS A 572 21.15 2.58 21.79
C LYS A 572 21.96 2.13 20.61
N GLU A 573 21.28 1.71 19.55
CA GLU A 573 22.02 1.19 18.42
C GLU A 573 22.77 2.35 17.71
N SER A 574 22.13 3.51 17.51
CA SER A 574 22.84 4.64 16.90
C SER A 574 23.94 5.16 17.83
N VAL A 575 23.71 5.16 19.14
CA VAL A 575 24.79 5.60 20.05
C VAL A 575 25.99 4.66 19.93
N TYR A 576 25.74 3.35 19.78
CA TYR A 576 26.85 2.45 19.61
C TYR A 576 27.58 2.71 18.29
N ALA A 577 26.86 2.99 17.22
CA ALA A 577 27.50 3.12 15.90
C ALA A 577 28.28 4.39 15.85
N GLN A 578 27.77 5.42 16.52
CA GLN A 578 28.46 6.70 16.62
C GLN A 578 29.71 6.64 17.52
N SER A 579 29.68 5.79 18.53
CA SER A 579 30.82 5.70 19.45
C SER A 579 32.04 5.05 18.79
N ILE A 580 31.81 4.28 17.73
CA ILE A 580 32.89 3.54 17.04
C ILE A 580 33.58 4.34 15.91
N THR A 581 33.12 5.55 15.64
CA THR A 581 33.69 6.35 14.54
C THR A 581 33.61 7.87 14.70
N SER A 582 34.60 8.53 14.09
CA SER A 582 34.66 10.00 14.03
C SER A 582 33.69 10.60 12.99
N LYS A 583 33.20 9.78 12.07
CA LYS A 583 32.28 10.27 11.08
C LYS A 583 30.87 10.45 11.67
N PRO A 584 30.10 11.45 11.14
CA PRO A 584 28.72 11.65 11.59
C PRO A 584 27.82 10.50 11.21
N MET A 585 27.07 10.02 12.21
CA MET A 585 26.18 8.89 12.09
C MET A 585 24.76 9.38 12.02
N LYS A 586 24.06 8.95 10.97
CA LYS A 586 22.64 9.17 10.82
C LYS A 586 21.86 8.25 11.72
N GLY A 587 21.09 8.83 12.63
CA GLY A 587 19.94 8.12 13.19
C GLY A 587 18.86 8.07 12.13
N MET A 588 17.87 7.22 12.37
CA MET A 588 17.02 6.70 11.29
C MET A 588 15.64 6.40 11.82
N LEU A 589 14.64 7.09 11.26
CA LEU A 589 13.27 6.98 11.74
C LEU A 589 12.38 6.83 10.53
N THR A 590 11.25 6.21 10.78
CA THR A 590 10.23 6.14 9.79
C THR A 590 9.30 7.27 10.21
N GLY A 591 8.79 8.03 9.24
CA GLY A 591 8.00 9.22 9.56
C GLY A 591 6.60 8.85 10.01
N PRO A 592 5.80 9.83 10.45
CA PRO A 592 4.46 9.58 10.96
C PRO A 592 3.42 9.20 9.96
N VAL A 593 3.50 9.75 8.76
CA VAL A 593 2.55 9.41 7.71
C VAL A 593 2.70 7.93 7.26
N THR A 594 3.93 7.47 7.13
CA THR A 594 4.20 6.07 6.82
C THR A 594 3.78 5.10 7.92
N ILE A 595 4.03 5.45 9.18
CA ILE A 595 3.54 4.56 10.22
C ILE A 595 1.99 4.48 10.22
N LEU A 596 1.33 5.60 10.01
CA LEU A 596 -0.09 5.65 9.87
C LEU A 596 -0.54 4.88 8.64
N ARG A 597 0.11 5.06 7.49
CA ARG A 597 -0.47 4.49 6.28
C ARG A 597 -0.30 3.00 6.20
N TRP A 598 0.76 2.47 6.79
CA TRP A 598 1.04 1.03 6.72
C TRP A 598 0.61 0.29 7.95
N SER A 599 -0.24 0.93 8.74
CA SER A 599 -0.98 0.32 9.85
C SER A 599 -2.46 0.33 9.52
N PHE A 600 -3.25 -0.42 10.29
CA PHE A 600 -4.71 -0.23 10.26
C PHE A 600 -5.01 0.91 11.21
N PRO A 601 -5.67 1.96 10.71
CA PRO A 601 -5.82 3.13 11.57
C PRO A 601 -7.03 3.00 12.42
N ARG A 602 -7.12 3.89 13.39
CA ARG A 602 -8.37 4.09 14.07
C ARG A 602 -9.40 4.62 13.07
N ASP A 603 -10.64 4.14 13.19
CA ASP A 603 -11.76 4.77 12.52
C ASP A 603 -12.64 5.64 13.45
N ASP A 604 -12.25 5.89 14.68
CA ASP A 604 -13.01 6.84 15.49
C ASP A 604 -12.36 8.22 15.54
N VAL A 605 -11.14 8.36 15.03
CA VAL A 605 -10.50 9.67 14.86
C VAL A 605 -9.88 9.83 13.47
N SER A 606 -9.68 11.08 13.08
CA SER A 606 -9.11 11.41 11.77
C SER A 606 -7.72 10.90 11.63
N GLY A 607 -7.35 10.57 10.39
CA GLY A 607 -5.95 10.31 10.03
C GLY A 607 -5.04 11.41 10.59
N LYS A 608 -5.45 12.63 10.37
CA LYS A 608 -4.68 13.78 10.75
C LYS A 608 -4.32 13.67 12.21
N ILE A 609 -5.30 13.38 13.06
CA ILE A 609 -5.04 13.39 14.48
C ILE A 609 -4.06 12.26 14.83
N GLN A 610 -4.23 11.14 14.16
CA GLN A 610 -3.33 10.05 14.31
C GLN A 610 -1.90 10.42 13.93
N ALA A 611 -1.77 11.15 12.83
CA ALA A 611 -0.46 11.55 12.32
C ALA A 611 0.23 12.50 13.28
N LEU A 612 -0.52 13.46 13.83
CA LEU A 612 0.05 14.42 14.78
C LEU A 612 0.46 13.81 16.13
N GLN A 613 -0.30 12.83 16.62
CA GLN A 613 0.12 12.07 17.81
C GLN A 613 1.43 11.39 17.52
N LEU A 614 1.56 10.88 16.29
CA LEU A 614 2.76 10.17 15.91
C LEU A 614 3.93 11.14 15.80
N GLY A 615 3.69 12.30 15.16
CA GLY A 615 4.69 13.40 15.13
C GLY A 615 5.25 13.76 16.50
N LEU A 616 4.37 13.81 17.48
CA LEU A 616 4.79 14.17 18.85
C LEU A 616 5.58 13.03 19.53
N ALA A 617 5.18 11.80 19.28
CA ALA A 617 5.92 10.68 19.83
C ALA A 617 7.29 10.63 19.19
N LEU A 618 7.36 10.93 17.89
CA LEU A 618 8.64 10.83 17.19
C LEU A 618 9.49 12.01 17.55
N ARG A 619 8.83 13.07 17.96
CA ARG A 619 9.60 14.25 18.43
C ARG A 619 10.42 13.90 19.63
N ASP A 620 9.83 13.17 20.58
CA ASP A 620 10.57 12.76 21.75
C ASP A 620 11.76 11.94 21.33
N GLU A 621 11.60 11.08 20.32
CA GLU A 621 12.72 10.23 19.89
C GLU A 621 13.86 11.05 19.26
N VAL A 622 13.50 12.02 18.43
CA VAL A 622 14.46 12.88 17.79
C VAL A 622 15.21 13.63 18.92
N ASN A 623 14.48 14.12 19.91
CA ASN A 623 15.10 14.86 20.97
C ASN A 623 16.08 13.99 21.76
N ASP A 624 15.69 12.77 22.10
CA ASP A 624 16.63 11.87 22.81
C ASP A 624 17.86 11.55 21.95
N LEU A 625 17.65 11.32 20.68
CA LEU A 625 18.76 11.07 19.74
C LEU A 625 19.77 12.18 19.79
N GLU A 626 19.29 13.39 19.50
CA GLU A 626 20.12 14.57 19.54
C GLU A 626 20.80 14.69 20.90
N GLY A 627 20.05 14.41 21.98
CA GLY A 627 20.55 14.50 23.37
C GLY A 627 21.69 13.53 23.62
N ALA A 628 21.64 12.38 22.97
CA ALA A 628 22.70 11.39 23.06
C ALA A 628 23.84 11.67 22.10
N GLY A 629 23.85 12.81 21.45
CA GLY A 629 24.95 13.10 20.52
C GLY A 629 24.75 12.57 19.12
N ILE A 630 23.56 12.05 18.81
CA ILE A 630 23.21 11.74 17.44
C ILE A 630 22.52 12.99 16.84
N THR A 631 23.30 13.79 16.13
CA THR A 631 22.89 15.13 15.73
C THR A 631 22.72 15.22 14.23
N VAL A 632 22.84 14.07 13.57
CA VAL A 632 22.30 13.88 12.24
C VAL A 632 21.21 12.79 12.30
N ILE A 633 20.04 13.10 11.72
CA ILE A 633 18.85 12.27 11.88
C ILE A 633 18.03 12.31 10.60
N GLN A 634 17.73 11.13 10.09
CA GLN A 634 16.99 11.07 8.86
C GLN A 634 15.62 10.46 9.11
N VAL A 635 14.64 10.92 8.36
CA VAL A 635 13.23 10.49 8.49
C VAL A 635 12.67 10.07 7.15
N ASP A 636 12.26 8.79 7.07
CA ASP A 636 11.76 8.15 5.84
C ASP A 636 10.24 8.25 5.75
N GLU A 637 9.70 8.89 4.71
CA GLU A 637 8.27 8.88 4.47
C GLU A 637 7.92 8.21 3.11
N PRO A 638 8.17 6.88 3.00
CA PRO A 638 7.89 6.22 1.70
C PRO A 638 6.40 6.17 1.33
N ALA A 639 5.47 6.29 2.29
CA ALA A 639 4.03 6.24 1.95
C ALA A 639 3.32 7.58 1.70
N ILE A 640 4.06 8.67 1.50
CA ILE A 640 3.42 9.99 1.33
C ILE A 640 2.44 10.06 0.14
N ARG A 641 2.84 9.52 -1.00
CA ARG A 641 2.02 9.54 -2.18
C ARG A 641 0.80 8.62 -2.05
N GLU A 642 1.01 7.49 -1.38
CA GLU A 642 0.00 6.48 -1.19
C GLU A 642 -1.21 7.00 -0.43
N GLY A 643 -0.97 7.84 0.56
CA GLY A 643 -2.06 8.42 1.35
C GLY A 643 -2.73 9.63 0.66
N LEU A 644 -2.32 9.93 -0.56
CA LEU A 644 -2.80 11.17 -1.20
C LEU A 644 -4.30 10.94 -1.49
N PRO A 645 -5.17 11.81 -0.97
CA PRO A 645 -6.55 11.64 -1.37
C PRO A 645 -6.70 11.51 -2.90
N LEU A 646 -7.55 10.59 -3.32
CA LEU A 646 -7.76 10.29 -4.72
C LEU A 646 -8.28 11.42 -5.59
N ARG A 647 -8.94 12.43 -5.04
CA ARG A 647 -9.32 13.63 -5.86
C ARG A 647 -8.63 14.92 -5.39
N ALA A 648 -8.30 15.77 -6.36
CA ALA A 648 -7.80 17.10 -6.05
C ALA A 648 -8.94 17.76 -5.34
N GLY A 649 -8.61 18.72 -4.50
CA GLY A 649 -9.61 19.44 -3.73
C GLY A 649 -9.09 19.67 -2.33
N LYS A 650 -9.98 20.16 -1.47
CA LYS A 650 -9.67 20.49 -0.08
C LYS A 650 -9.06 19.31 0.66
N GLU A 651 -9.55 18.10 0.40
CA GLU A 651 -9.03 16.97 1.13
C GLU A 651 -7.56 16.75 0.77
N ARG A 652 -7.21 16.94 -0.51
CA ARG A 652 -5.83 16.70 -0.97
C ARG A 652 -4.87 17.72 -0.35
N SER A 653 -5.19 19.01 -0.42
CA SER A 653 -4.28 20.04 0.12
C SER A 653 -4.21 20.09 1.66
N ASP A 654 -5.28 19.74 2.37
CA ASP A 654 -5.18 19.55 3.82
C ASP A 654 -4.25 18.41 4.21
N TYR A 655 -4.30 17.33 3.47
CA TYR A 655 -3.40 16.22 3.70
C TYR A 655 -1.94 16.65 3.60
N LEU A 656 -1.61 17.44 2.59
CA LEU A 656 -0.22 17.82 2.36
C LEU A 656 0.22 18.76 3.46
N ASN A 657 -0.69 19.63 3.85
CA ASN A 657 -0.41 20.48 4.99
C ASN A 657 -0.19 19.67 6.27
N TRP A 658 -1.07 18.71 6.55
CA TRP A 658 -0.90 17.95 7.80
C TRP A 658 0.19 16.89 7.69
N ALA A 659 0.35 16.27 6.54
CA ALA A 659 1.48 15.38 6.35
C ALA A 659 2.79 16.13 6.60
N ALA A 660 2.92 17.30 6.00
CA ALA A 660 4.14 18.11 6.20
C ALA A 660 4.22 18.58 7.65
N GLN A 661 3.07 18.99 8.19
CA GLN A 661 3.06 19.51 9.56
C GLN A 661 3.50 18.43 10.59
N SER A 662 3.00 17.22 10.44
CA SER A 662 3.42 16.13 11.34
C SER A 662 4.93 15.82 11.26
N PHE A 663 5.48 15.82 10.05
CA PHE A 663 6.89 15.69 9.88
C PHE A 663 7.66 16.83 10.63
N ARG A 664 7.19 18.06 10.47
CA ARG A 664 7.87 19.20 11.08
C ARG A 664 7.69 19.15 12.62
N VAL A 665 6.58 18.63 13.09
CA VAL A 665 6.36 18.52 14.56
C VAL A 665 7.36 17.54 15.12
N ALA A 666 7.64 16.50 14.37
CA ALA A 666 8.70 15.54 14.76
C ALA A 666 10.14 16.08 14.70
N THR A 667 10.44 17.03 13.80
CA THR A 667 11.82 17.39 13.52
C THR A 667 12.29 18.81 13.89
N SER A 668 11.39 19.62 14.45
CA SER A 668 11.60 21.06 14.65
C SER A 668 12.09 21.44 16.05
N GLY A 669 12.08 20.53 17.01
CA GLY A 669 12.65 20.78 18.33
C GLY A 669 14.18 20.87 18.44
N VAL A 670 14.89 20.62 17.35
CA VAL A 670 16.34 20.44 17.38
C VAL A 670 17.11 21.72 17.19
N GLU A 671 18.40 21.67 17.54
CA GLU A 671 19.32 22.81 17.38
C GLU A 671 19.65 23.06 15.90
N ASN A 672 20.08 24.28 15.59
CA ASN A 672 20.39 24.64 14.21
C ASN A 672 21.51 23.81 13.59
N SER A 673 22.39 23.26 14.44
CA SER A 673 23.51 22.43 13.99
C SER A 673 23.14 20.96 13.85
N THR A 674 21.94 20.59 14.25
CA THR A 674 21.46 19.25 13.99
C THR A 674 20.96 19.21 12.56
N GLN A 675 21.41 18.21 11.82
CA GLN A 675 21.07 18.10 10.40
C GLN A 675 19.93 17.06 10.17
N ILE A 676 18.80 17.54 9.68
CA ILE A 676 17.63 16.76 9.43
C ILE A 676 17.59 16.32 7.96
N HIS A 677 17.58 15.03 7.74
CA HIS A 677 17.48 14.46 6.39
C HIS A 677 16.07 13.90 6.19
N SER A 678 15.61 13.87 4.95
CA SER A 678 14.40 13.15 4.64
C SER A 678 14.50 12.42 3.31
N HIS A 679 13.99 11.21 3.32
CA HIS A 679 14.06 10.36 2.15
C HIS A 679 12.69 10.04 1.67
N PHE A 680 12.56 9.98 0.34
CA PHE A 680 11.34 9.68 -0.37
C PHE A 680 11.63 8.70 -1.50
N CYS A 681 10.64 7.88 -1.79
CA CYS A 681 10.74 6.91 -2.85
C CYS A 681 9.98 7.34 -4.12
N TYR A 682 8.92 8.15 -3.98
CA TYR A 682 8.20 8.71 -5.12
C TYR A 682 8.97 9.87 -5.78
N SER A 683 9.44 9.65 -7.01
CA SER A 683 10.20 10.63 -7.81
C SER A 683 9.38 11.83 -8.28
N ASP A 684 8.08 11.62 -8.47
CA ASP A 684 7.17 12.68 -8.90
C ASP A 684 6.54 13.38 -7.68
N LEU A 685 7.28 13.48 -6.58
CA LEU A 685 6.71 14.11 -5.39
C LEU A 685 6.65 15.65 -5.50
N ASP A 686 5.44 16.17 -5.39
CA ASP A 686 5.14 17.61 -5.39
C ASP A 686 6.24 18.46 -4.73
N PRO A 687 7.08 19.13 -5.57
CA PRO A 687 8.19 19.93 -5.08
C PRO A 687 7.83 20.78 -3.87
N ASN A 688 6.62 21.33 -3.88
CA ASN A 688 6.16 22.20 -2.81
C ASN A 688 5.97 21.49 -1.48
N HIS A 689 5.63 20.20 -1.51
CA HIS A 689 5.54 19.42 -0.30
C HIS A 689 6.96 19.23 0.25
N ILE A 690 7.89 18.84 -0.60
CA ILE A 690 9.30 18.79 -0.21
C ILE A 690 9.79 20.09 0.46
N LYS A 691 9.60 21.26 -0.19
CA LYS A 691 10.00 22.57 0.39
C LYS A 691 9.31 22.81 1.73
N ALA A 692 8.03 22.44 1.80
CA ALA A 692 7.25 22.60 3.03
C ALA A 692 7.87 21.85 4.23
N LEU A 693 8.67 20.83 3.98
CA LEU A 693 9.32 20.12 5.10
C LEU A 693 10.45 20.86 5.78
N ASP A 694 11.24 21.60 4.97
CA ASP A 694 12.38 22.38 5.45
C ASP A 694 13.45 21.47 6.03
N ALA A 695 13.57 20.29 5.46
CA ALA A 695 14.66 19.40 5.77
C ALA A 695 15.95 20.07 5.29
N ASP A 696 17.03 19.90 6.06
CA ASP A 696 18.35 20.37 5.62
C ASP A 696 18.78 19.67 4.34
N VAL A 697 18.45 18.39 4.28
CA VAL A 697 18.79 17.57 3.13
C VAL A 697 17.60 16.68 2.78
N VAL A 698 17.28 16.58 1.50
CA VAL A 698 16.26 15.64 1.07
C VAL A 698 16.82 14.68 0.03
N SER A 699 16.69 13.39 0.28
CA SER A 699 17.10 12.41 -0.71
C SER A 699 15.85 11.88 -1.42
N ILE A 700 15.91 11.76 -2.73
CA ILE A 700 14.71 11.36 -3.49
C ILE A 700 15.11 10.39 -4.59
N GLU A 701 14.32 9.33 -4.75
CA GLU A 701 14.47 8.41 -5.88
C GLU A 701 14.31 9.22 -7.18
N PHE A 702 15.35 9.31 -8.01
CA PHE A 702 15.26 10.09 -9.29
C PHE A 702 16.27 9.69 -10.38
N SER A 703 16.21 8.44 -10.84
CA SER A 703 17.07 7.96 -11.93
C SER A 703 16.68 8.53 -13.31
N ASN A 709 14.82 19.29 -15.84
CA ASN A 709 13.44 19.75 -15.80
C ASN A 709 13.02 20.01 -14.35
N TYR A 710 12.22 19.08 -13.80
CA TYR A 710 11.77 19.06 -12.39
C TYR A 710 12.79 19.55 -11.35
N ILE A 711 14.06 19.21 -11.57
CA ILE A 711 15.16 19.64 -10.66
C ILE A 711 15.15 21.15 -10.52
N GLN A 712 14.74 21.86 -11.58
CA GLN A 712 14.69 23.34 -11.60
C GLN A 712 13.76 23.95 -10.53
N GLU A 713 12.62 23.32 -10.26
CA GLU A 713 11.71 23.72 -9.16
C GLU A 713 12.45 24.05 -7.86
N PHE A 714 13.58 23.40 -7.65
CA PHE A 714 14.39 23.62 -6.47
C PHE A 714 15.57 24.55 -6.66
N SER A 715 15.69 25.20 -7.82
CA SER A 715 16.91 26.02 -8.11
C SER A 715 17.22 27.01 -6.98
N GLU A 716 16.17 27.72 -6.57
CA GLU A 716 16.29 28.83 -5.65
C GLU A 716 15.84 28.45 -4.22
N TYR A 717 15.46 27.17 -4.01
CA TYR A 717 15.26 26.60 -2.66
C TYR A 717 16.65 26.34 -2.09
N PRO A 718 16.98 26.97 -0.95
CA PRO A 718 18.31 26.81 -0.30
C PRO A 718 18.70 25.37 0.14
N ASN A 719 17.74 24.63 0.70
CA ASN A 719 18.04 23.37 1.38
C ASN A 719 18.66 22.37 0.40
N HIS A 720 19.34 21.34 0.91
CA HIS A 720 20.15 20.49 0.03
C HIS A 720 19.38 19.24 -0.38
N ILE A 721 19.84 18.63 -1.47
CA ILE A 721 19.08 17.61 -2.15
C ILE A 721 20.03 16.59 -2.80
N GLY A 722 19.78 15.31 -2.54
CA GLY A 722 20.46 14.23 -3.23
C GLY A 722 19.46 13.53 -4.14
N LEU A 723 19.34 14.01 -5.37
CA LEU A 723 18.57 13.31 -6.41
C LEU A 723 19.23 11.95 -6.61
N GLY A 724 18.50 10.91 -6.21
CA GLY A 724 18.99 9.53 -6.26
C GLY A 724 19.53 9.25 -7.64
N LEU A 725 20.83 8.96 -7.69
CA LEU A 725 21.54 8.86 -8.95
C LEU A 725 21.43 7.46 -9.54
N PHE A 726 21.06 6.45 -8.76
CA PHE A 726 20.96 5.08 -9.33
C PHE A 726 20.03 4.07 -8.64
N ASP A 727 19.64 3.06 -9.43
CA ASP A 727 18.51 2.15 -9.14
C ASP A 727 18.83 1.03 -8.14
N ILE A 728 18.22 1.11 -6.94
CA ILE A 728 18.49 0.14 -5.86
C ILE A 728 17.93 -1.28 -6.13
N HIS A 729 17.05 -1.43 -7.13
CA HIS A 729 16.32 -2.68 -7.32
C HIS A 729 16.98 -3.63 -8.34
N SER A 730 18.23 -3.39 -8.72
CA SER A 730 18.95 -4.31 -9.64
C SER A 730 20.48 -4.24 -9.50
N PRO A 731 21.19 -5.20 -10.11
CA PRO A 731 22.66 -5.18 -10.19
C PRO A 731 23.22 -4.16 -11.21
N ARG A 732 24.33 -4.52 -11.88
CA ARG A 732 24.98 -3.68 -12.92
C ARG A 732 25.65 -2.43 -12.34
N ILE A 733 26.79 -2.65 -11.65
CA ILE A 733 27.55 -1.58 -10.98
C ILE A 733 28.06 -0.52 -11.96
N PRO A 734 27.45 0.69 -11.96
CA PRO A 734 27.85 1.72 -12.92
C PRO A 734 29.23 2.30 -12.63
N SER A 735 29.84 2.88 -13.66
CA SER A 735 31.22 3.33 -13.58
C SER A 735 31.34 4.78 -13.18
N LYS A 736 32.58 5.24 -13.07
CA LYS A 736 32.95 6.64 -12.87
C LYS A 736 32.13 7.57 -13.75
N GLN A 737 32.10 7.29 -15.05
CA GLN A 737 31.39 8.16 -16.00
C GLN A 737 29.91 7.84 -16.15
N GLU A 738 29.49 6.61 -15.83
CA GLU A 738 28.07 6.35 -15.66
C GLU A 738 27.57 7.36 -14.63
N PHE A 739 28.17 7.32 -13.45
CA PHE A 739 27.90 8.31 -12.39
C PHE A 739 28.23 9.72 -12.84
N VAL A 740 29.42 9.90 -13.45
CA VAL A 740 29.97 11.23 -13.73
C VAL A 740 29.03 12.04 -14.61
N SER A 741 28.67 11.46 -15.75
CA SER A 741 27.75 12.10 -16.68
C SER A 741 26.54 12.61 -15.91
N ARG A 742 26.05 11.79 -14.98
CA ARG A 742 24.93 12.16 -14.11
C ARG A 742 25.08 13.51 -13.40
N ILE A 743 26.13 13.68 -12.58
CA ILE A 743 26.32 14.90 -11.78
C ILE A 743 26.49 16.19 -12.63
N GLU A 744 27.16 16.06 -13.78
CA GLU A 744 27.21 17.16 -14.75
C GLU A 744 25.82 17.39 -15.36
N GLU A 745 25.16 16.31 -15.77
CA GLU A 745 23.80 16.38 -16.32
C GLU A 745 22.79 16.94 -15.32
N ILE A 746 22.99 16.67 -14.02
CA ILE A 746 22.19 17.26 -12.93
C ILE A 746 22.65 18.69 -12.64
N LEU A 747 23.96 18.93 -12.74
CA LEU A 747 24.50 20.28 -12.57
C LEU A 747 24.15 21.24 -13.74
N LYS A 748 23.50 20.74 -14.79
CA LYS A 748 23.17 21.57 -15.96
C LYS A 748 22.10 22.60 -15.65
N TYR A 750 20.89 22.65 -11.57
CA TYR A 750 21.03 22.68 -10.13
C TYR A 750 22.47 23.01 -9.69
N PRO A 751 22.64 23.94 -8.74
CA PRO A 751 23.99 24.34 -8.29
C PRO A 751 24.71 23.29 -7.43
N ALA A 752 26.04 23.28 -7.54
CA ALA A 752 26.87 22.24 -6.94
C ALA A 752 26.99 22.35 -5.42
N SER A 753 26.81 23.56 -4.88
CA SER A 753 26.93 23.76 -3.44
C SER A 753 25.84 23.00 -2.67
N LYS A 754 24.81 22.54 -3.37
CA LYS A 754 23.69 21.88 -2.73
C LYS A 754 23.53 20.38 -3.01
N PHE A 755 24.42 19.78 -3.79
CA PHE A 755 24.20 18.40 -4.24
C PHE A 755 24.87 17.32 -3.37
N TRP A 756 24.06 16.37 -2.88
CA TRP A 756 24.59 15.19 -2.22
C TRP A 756 24.55 14.03 -3.20
N VAL A 757 25.49 13.10 -3.03
CA VAL A 757 25.53 11.91 -3.87
C VAL A 757 25.07 10.70 -3.04
N ASN A 758 24.08 10.00 -3.57
CA ASN A 758 23.47 8.86 -2.92
C ASN A 758 22.63 8.07 -3.92
N PRO A 759 22.33 6.79 -3.61
CA PRO A 759 21.40 6.02 -4.48
C PRO A 759 19.88 6.30 -4.22
N ASP A 760 19.00 5.50 -4.81
CA ASP A 760 17.55 5.66 -4.71
C ASP A 760 16.97 5.28 -3.34
N CYS A 761 17.58 4.28 -2.69
CA CYS A 761 17.07 3.75 -1.41
C CYS A 761 18.15 2.88 -0.70
N GLY A 762 17.81 2.25 0.42
CA GLY A 762 18.67 1.28 1.07
C GLY A 762 18.98 0.05 0.22
N LEU A 763 19.98 -0.73 0.66
CA LEU A 763 20.50 -1.82 -0.13
C LEU A 763 20.18 -3.19 0.47
N LYS A 764 19.27 -3.17 1.46
CA LYS A 764 18.73 -4.38 2.08
C LYS A 764 18.41 -5.46 1.05
N THR A 765 17.90 -5.01 -0.11
CA THR A 765 17.54 -5.91 -1.23
C THR A 765 18.70 -6.21 -2.21
N ARG A 766 19.95 -6.15 -1.74
CA ARG A 766 21.13 -6.42 -2.60
C ARG A 766 22.22 -7.21 -1.84
N GLY A 767 23.33 -7.55 -2.51
CA GLY A 767 24.46 -8.27 -1.91
C GLY A 767 25.77 -7.48 -1.79
N TRP A 768 26.66 -7.91 -0.89
CA TRP A 768 27.93 -7.20 -0.59
C TRP A 768 28.90 -6.91 -1.75
N PRO A 769 29.01 -7.80 -2.74
CA PRO A 769 29.97 -7.47 -3.82
C PRO A 769 29.50 -6.27 -4.64
N GLU A 770 28.35 -6.42 -5.29
CA GLU A 770 27.75 -5.37 -6.10
C GLU A 770 27.63 -4.01 -5.34
N VAL A 771 27.47 -4.08 -4.02
CA VAL A 771 27.48 -2.89 -3.14
C VAL A 771 28.89 -2.27 -2.98
N LYS A 772 29.93 -3.11 -2.95
CA LYS A 772 31.32 -2.64 -2.84
C LYS A 772 31.65 -1.57 -3.88
N GLU A 773 31.42 -1.92 -5.15
CA GLU A 773 31.94 -1.12 -6.26
C GLU A 773 31.08 0.08 -6.51
N SER A 774 29.78 -0.17 -6.69
CA SER A 774 28.80 0.91 -6.77
C SER A 774 29.20 2.07 -5.85
N LEU A 775 29.36 1.77 -4.57
CA LEU A 775 29.69 2.79 -3.59
C LEU A 775 31.07 3.41 -3.74
N THR A 776 32.07 2.65 -4.18
CA THR A 776 33.41 3.24 -4.47
C THR A 776 33.35 4.04 -5.76
N ASN A 777 32.86 3.43 -6.83
CA ASN A 777 32.54 4.16 -8.06
C ASN A 777 31.74 5.43 -7.81
N MET A 778 30.79 5.36 -6.86
CA MET A 778 29.97 6.53 -6.49
C MET A 778 30.86 7.57 -5.82
N VAL A 779 31.56 7.17 -4.77
CA VAL A 779 32.48 8.05 -4.07
C VAL A 779 33.56 8.59 -5.02
N GLU A 780 34.26 7.70 -5.74
CA GLU A 780 35.34 8.08 -6.66
C GLU A 780 34.87 9.13 -7.66
N ALA A 781 33.64 8.94 -8.17
CA ALA A 781 33.00 9.91 -9.06
C ALA A 781 32.87 11.28 -8.39
N ALA A 782 32.43 11.27 -7.13
CA ALA A 782 32.25 12.49 -6.36
C ALA A 782 33.59 13.17 -6.10
N LYS A 783 34.56 12.36 -5.66
CA LYS A 783 35.92 12.85 -5.41
C LYS A 783 36.47 13.66 -6.59
N GLU A 784 36.11 13.27 -7.81
CA GLU A 784 36.60 13.95 -9.00
C GLU A 784 36.09 15.40 -9.09
N PHE A 785 34.78 15.58 -9.07
CA PHE A 785 34.21 16.93 -9.07
C PHE A 785 34.83 17.67 -7.90
N ARG A 786 34.66 17.10 -6.71
CA ARG A 786 35.19 17.65 -5.44
C ARG A 786 36.63 18.18 -5.59
N ALA A 787 37.48 17.37 -6.21
CA ALA A 787 38.85 17.76 -6.51
C ALA A 787 38.95 18.39 -7.91
N LYS A 788 37.97 19.22 -8.25
CA LYS A 788 38.03 20.06 -9.44
C LYS A 788 37.59 21.49 -9.09
N TYR A 789 37.91 21.90 -7.85
CA TYR A 789 37.57 23.24 -7.35
C TYR A 789 38.71 23.77 -6.48
ZN ZN B . 13.25 4.98 -0.79
N1 C2F C . 4.50 -1.86 3.37
C2 C2F C . 5.07 -2.34 4.49
NA2 C2F C . 4.29 -2.54 5.59
N3 C2F C . 6.39 -2.62 4.56
C4 C2F C . 7.24 -2.46 3.52
O4 C2F C . 8.46 -2.73 3.61
C4A C2F C . 6.68 -1.94 2.26
N5 C2F C . 7.40 -1.71 1.11
C6 C2F C . 6.61 -1.90 -0.14
C7 C2F C . 5.56 -0.79 -0.03
N8 C2F C . 4.70 -1.12 1.11
C8A C2F C . 5.23 -1.63 2.25
C9 C2F C . 5.87 -3.27 -0.15
N10 C2F C . 6.86 -4.30 -0.17
C11 C2F C . 8.78 -1.25 1.11
C12 C2F C . 7.59 -7.54 2.28
C13 C2F C . 8.48 -7.10 1.31
C14 C2F C . 8.19 -6.01 0.52
C15 C2F C . 6.97 -5.34 0.66
C16 C2F C . 6.05 -5.76 1.63
C17 C2F C . 6.37 -6.86 2.45
C C2F C . 8.03 -8.72 3.09
O C2F C . 9.23 -8.71 3.39
N C2F C . 7.17 -9.72 3.38
CA C2F C . 7.53 -11.01 4.00
CB C2F C . 7.11 -11.17 5.48
CG C2F C . 7.46 -9.94 6.29
CD C2F C . 7.88 -10.22 7.73
OE1 C2F C . 7.93 -9.19 8.58
OE2 C2F C . 8.21 -11.35 8.12
CT C2F C . 6.95 -12.19 3.24
O1 C2F C . 7.65 -13.12 2.87
O2 C2F C . 5.65 -12.25 2.94
N MET D . 16.44 3.88 5.51
CA MET D . 15.67 2.71 5.17
C MET D . 16.47 1.81 4.25
O MET D . 17.58 2.28 3.70
CB MET D . 14.33 3.06 4.51
CG MET D . 14.43 3.83 3.21
SD MET D . 12.78 4.01 2.63
CE MET D . 12.05 2.49 2.12
OXT MET D . 16.10 0.67 4.01
#